data_6TA2
#
_entry.id   6TA2
#
_cell.length_a   60.795
_cell.length_b   106.711
_cell.length_c   83.093
_cell.angle_alpha   90.000
_cell.angle_beta   96.723
_cell.angle_gamma   90.000
#
_symmetry.space_group_name_H-M   'P 1 21 1'
#
loop_
_entity.id
_entity.type
_entity.pdbx_description
1 polymer 'Nicotinamide phosphoribosyltransferase'
2 non-polymer GLYCEROL
3 non-polymer 'NICOTINATE MONONUCLEOTIDE'
4 non-polymer 'PHOSPHATE ION'
5 non-polymer 'CHLORIDE ION'
6 water water
#
_entity_poly.entity_id   1
_entity_poly.type   'polypeptide(L)'
_entity_poly.pdbx_seq_one_letter_code
;MRGSHHHHHHGSMNPAAEAEFNILLATDSYKVTHYKQYPPNTSKVYSYFECREKKTENSKLRKVKYEETVFYGLQYILNK
YLKGKVVTKEKIQEAKDVYKEHFQDDVFNEKGWNYILEKYDGHLPIEIKAVPEGFVIPRGNVLFTVENTDPECYWLTNWI
ETILVQSWYPITVATNSREQKKILAKYLLETSGNLDGLEYKLHDFGYRGVSSQETAGIGASAHLVNFKGTDTVAGLALIK
KYYGTKDPVPGYSVPAAEHSTITAWGKDHEKDAFEHIVTQFSSVPVSVVSDSYDIYNACEKIWGEDLRHLIVSRSTQAPL
IIRPDSGNPLDTVLKVLEILGKKFPVTENSKGYKLLPPYLRVIQGDGVDINTLQEIVEGMKQKMWSIENIAFGSGGGLLQ
KLTRDLLNCSFKCSYVVTNGLGINVFKDPVADPNKRSKKGRLSLHRTPAGNFVTLEEGKGDLEEYGQDLLHTVFKNGKVT
KSYSFDEIRKNAQLNIELEAAHH
;
_entity_poly.pdbx_strand_id   B,A
#
loop_
_chem_comp.id
_chem_comp.type
_chem_comp.name
_chem_comp.formula
CL non-polymer 'CHLORIDE ION' 'Cl -1'
GOL non-polymer GLYCEROL 'C3 H8 O3'
NCN non-polymer 'NICOTINATE MONONUCLEOTIDE' 'C11 H14 N O9 P'
PO4 non-polymer 'PHOSPHATE ION' 'O4 P -3'
#
# COMPACT_ATOMS: atom_id res chain seq x y z
N PHE A 21 -10.46 7.59 15.44
CA PHE A 21 -10.68 8.02 14.07
C PHE A 21 -11.65 9.19 14.04
N ASN A 22 -11.29 10.21 13.27
CA ASN A 22 -12.14 11.40 13.09
C ASN A 22 -12.35 11.63 11.60
N ILE A 23 -13.57 11.38 11.12
CA ILE A 23 -13.92 11.55 9.71
C ILE A 23 -13.74 13.00 9.24
N LEU A 24 -13.77 13.97 10.16
CA LEU A 24 -13.51 15.35 9.79
C LEU A 24 -12.06 15.58 9.43
N LEU A 25 -11.18 14.69 9.87
CA LEU A 25 -9.77 14.71 9.53
C LEU A 25 -9.40 13.56 8.59
N ALA A 26 -10.39 12.97 7.91
CA ALA A 26 -10.06 11.87 6.99
C ALA A 26 -10.47 12.21 5.56
N THR A 27 -10.14 13.42 5.10
CA THR A 27 -10.37 13.84 3.72
C THR A 27 -9.11 14.51 3.18
N ASP A 28 -9.03 14.66 1.85
CA ASP A 28 -7.99 15.50 1.29
C ASP A 28 -8.19 16.92 1.80
N SER A 29 -7.08 17.57 2.21
CA SER A 29 -7.17 18.92 2.77
C SER A 29 -8.05 19.84 1.95
N TYR A 30 -7.84 19.86 0.63
CA TYR A 30 -8.58 20.83 -0.18
C TYR A 30 -10.08 20.66 -0.09
N LYS A 31 -10.58 19.46 0.23
CA LYS A 31 -12.02 19.26 0.31
C LYS A 31 -12.65 20.05 1.47
N VAL A 32 -11.82 20.40 2.45
CA VAL A 32 -12.28 21.26 3.55
C VAL A 32 -12.79 22.58 3.00
N THR A 33 -12.28 23.01 1.85
CA THR A 33 -12.60 24.33 1.31
C THR A 33 -13.65 24.29 0.24
N HIS A 34 -14.16 23.12 -0.11
CA HIS A 34 -15.06 23.05 -1.27
C HIS A 34 -16.47 23.57 -1.02
N TYR A 35 -16.93 23.61 0.22
CA TYR A 35 -18.28 24.09 0.46
C TYR A 35 -18.47 25.54 0.02
N LYS A 36 -17.38 26.31 -0.09
CA LYS A 36 -17.42 27.68 -0.58
C LYS A 36 -17.31 27.78 -2.09
N GLN A 37 -17.18 26.65 -2.80
CA GLN A 37 -16.86 26.68 -4.21
C GLN A 37 -17.98 26.20 -5.11
N TYR A 38 -18.89 25.37 -4.61
CA TYR A 38 -20.01 24.93 -5.40
C TYR A 38 -20.88 26.13 -5.75
N PRO A 39 -21.69 26.02 -6.80
CA PRO A 39 -22.65 27.08 -7.10
C PRO A 39 -23.55 27.38 -5.92
N PRO A 40 -23.81 28.65 -5.64
CA PRO A 40 -24.85 28.96 -4.65
C PRO A 40 -26.16 28.32 -5.04
N ASN A 41 -26.97 28.01 -4.02
CA ASN A 41 -28.32 27.47 -4.20
C ASN A 41 -28.26 26.04 -4.70
N THR A 42 -27.19 25.34 -4.33
CA THR A 42 -27.01 23.94 -4.66
C THR A 42 -27.49 23.07 -3.51
N SER A 43 -28.47 22.21 -3.78
CA SER A 43 -29.14 21.39 -2.78
C SER A 43 -28.77 19.92 -2.87
N LYS A 44 -28.17 19.49 -3.98
CA LYS A 44 -27.84 18.09 -4.22
C LYS A 44 -26.52 18.01 -4.97
N VAL A 45 -25.62 17.12 -4.50
CA VAL A 45 -24.41 16.75 -5.21
C VAL A 45 -24.44 15.23 -5.28
N TYR A 46 -24.43 14.70 -6.50
CA TYR A 46 -24.56 13.28 -6.80
C TYR A 46 -23.31 12.83 -7.58
N SER A 47 -22.65 11.80 -7.05
CA SER A 47 -21.35 11.36 -7.54
C SER A 47 -21.35 9.83 -7.69
N TYR A 48 -20.43 9.33 -8.53
CA TYR A 48 -20.39 7.90 -8.82
C TYR A 48 -18.94 7.41 -8.89
N PHE A 49 -18.79 6.10 -8.71
CA PHE A 49 -17.48 5.45 -8.77
C PHE A 49 -17.48 4.47 -9.94
N GLU A 50 -16.44 4.50 -10.77
CA GLU A 50 -16.28 3.48 -11.81
C GLU A 50 -14.82 3.04 -11.94
N CYS A 51 -14.61 1.90 -12.62
CA CYS A 51 -13.27 1.50 -13.04
C CYS A 51 -13.24 1.86 -14.51
N ARG A 52 -12.73 3.05 -14.79
CA ARG A 52 -12.96 3.68 -16.08
C ARG A 52 -12.27 2.88 -17.16
N GLU A 53 -12.94 2.79 -18.31
CA GLU A 53 -12.32 2.18 -19.48
C GLU A 53 -11.10 3.00 -19.89
N LYS A 54 -10.15 2.31 -20.50
CA LYS A 54 -8.94 2.92 -21.04
C LYS A 54 -8.81 2.38 -22.47
N LYS A 55 -9.24 3.16 -23.45
CA LYS A 55 -9.14 2.76 -24.85
C LYS A 55 -8.15 3.66 -25.59
N VAL A 64 -2.57 -8.79 -20.23
CA VAL A 64 -3.80 -8.77 -19.42
C VAL A 64 -4.36 -7.35 -19.41
N LYS A 65 -5.61 -7.25 -19.85
CA LYS A 65 -6.26 -5.97 -20.09
C LYS A 65 -7.27 -5.62 -19.00
N TYR A 66 -7.47 -6.51 -18.04
CA TYR A 66 -8.36 -6.28 -16.91
C TYR A 66 -9.70 -5.71 -17.39
N GLU A 67 -10.42 -6.54 -18.13
CA GLU A 67 -11.65 -6.10 -18.77
C GLU A 67 -12.88 -6.12 -17.84
N GLU A 68 -12.79 -6.79 -16.70
CA GLU A 68 -13.89 -6.90 -15.74
C GLU A 68 -13.32 -6.92 -14.33
N THR A 69 -14.06 -6.36 -13.36
CA THR A 69 -13.57 -6.14 -12.01
C THR A 69 -14.51 -6.74 -10.97
N VAL A 70 -13.93 -7.30 -9.93
CA VAL A 70 -14.66 -7.80 -8.78
C VAL A 70 -14.95 -6.63 -7.83
N PHE A 71 -16.23 -6.35 -7.56
CA PHE A 71 -16.59 -5.27 -6.66
C PHE A 71 -16.55 -5.79 -5.24
N TYR A 72 -15.56 -5.36 -4.48
CA TYR A 72 -15.40 -5.87 -3.13
C TYR A 72 -14.71 -4.83 -2.25
N GLY A 73 -15.25 -4.63 -1.07
CA GLY A 73 -14.58 -3.88 -0.04
C GLY A 73 -15.33 -2.72 0.58
N LEU A 74 -16.40 -2.28 -0.08
CA LEU A 74 -17.11 -1.09 0.39
C LEU A 74 -17.73 -1.36 1.77
N GLN A 75 -18.24 -2.56 1.99
CA GLN A 75 -18.92 -2.88 3.25
C GLN A 75 -17.98 -2.70 4.46
N TYR A 76 -16.71 -3.06 4.31
CA TYR A 76 -15.72 -2.77 5.34
C TYR A 76 -15.68 -1.28 5.67
N ILE A 77 -15.56 -0.46 4.62
CA ILE A 77 -15.47 0.99 4.81
C ILE A 77 -16.74 1.52 5.46
N LEU A 78 -17.90 1.08 4.98
CA LEU A 78 -19.17 1.56 5.55
C LEU A 78 -19.22 1.33 7.05
N ASN A 79 -18.85 0.13 7.49
CA ASN A 79 -19.00 -0.21 8.91
C ASN A 79 -17.91 0.40 9.76
N LYS A 80 -16.67 0.38 9.25
CA LYS A 80 -15.56 0.84 10.05
C LYS A 80 -15.56 2.34 10.22
N TYR A 81 -15.92 3.07 9.16
CA TYR A 81 -15.65 4.50 9.11
C TYR A 81 -16.88 5.38 8.98
N LEU A 82 -17.95 4.92 8.35
CA LEU A 82 -19.02 5.86 7.97
C LEU A 82 -20.31 5.72 8.77
N LYS A 83 -20.56 4.60 9.40
CA LYS A 83 -21.87 4.40 10.03
C LYS A 83 -21.92 4.96 11.45
N GLY A 84 -23.15 5.15 11.95
CA GLY A 84 -23.34 5.54 13.33
C GLY A 84 -23.00 6.99 13.58
N LYS A 85 -22.74 7.31 14.85
CA LYS A 85 -22.44 8.69 15.26
C LYS A 85 -20.96 8.95 14.99
N VAL A 86 -20.67 9.58 13.86
CA VAL A 86 -19.30 9.84 13.45
C VAL A 86 -18.88 11.26 13.70
N VAL A 87 -19.81 12.11 14.15
CA VAL A 87 -19.55 13.50 14.49
C VAL A 87 -19.84 13.70 15.98
N THR A 88 -18.92 14.33 16.68
CA THR A 88 -19.12 14.75 18.07
C THR A 88 -18.60 16.18 18.21
N LYS A 89 -18.99 16.83 19.31
N LYS A 89 -18.99 16.84 19.31
CA LYS A 89 -18.50 18.19 19.56
CA LYS A 89 -18.49 18.19 19.53
C LYS A 89 -16.98 18.19 19.66
C LYS A 89 -16.98 18.21 19.68
N GLU A 90 -16.41 17.16 20.28
CA GLU A 90 -14.97 17.10 20.43
C GLU A 90 -14.30 16.96 19.07
N LYS A 91 -14.87 16.14 18.18
CA LYS A 91 -14.28 15.97 16.85
C LYS A 91 -14.36 17.26 16.06
N ILE A 92 -15.45 18.01 16.19
CA ILE A 92 -15.55 19.29 15.48
C ILE A 92 -14.47 20.23 15.96
N GLN A 93 -14.29 20.33 17.28
CA GLN A 93 -13.30 21.23 17.85
C GLN A 93 -11.88 20.80 17.46
N GLU A 94 -11.60 19.50 17.50
CA GLU A 94 -10.28 19.00 17.08
C GLU A 94 -10.01 19.37 15.63
N ALA A 95 -10.95 19.09 14.72
CA ALA A 95 -10.75 19.47 13.33
C ALA A 95 -10.54 20.98 13.20
N LYS A 96 -11.37 21.77 13.87
CA LYS A 96 -11.27 23.21 13.76
C LYS A 96 -9.87 23.67 14.13
N ASP A 97 -9.31 23.10 15.19
CA ASP A 97 -8.00 23.52 15.69
C ASP A 97 -6.89 23.10 14.73
N VAL A 98 -6.96 21.87 14.20
CA VAL A 98 -5.94 21.40 13.27
C VAL A 98 -5.96 22.23 12.00
N TYR A 99 -7.13 22.41 11.43
CA TYR A 99 -7.22 23.12 10.16
C TYR A 99 -6.82 24.58 10.30
N LYS A 100 -7.10 25.21 11.44
CA LYS A 100 -6.66 26.59 11.63
C LYS A 100 -5.14 26.71 11.42
N GLU A 101 -4.37 25.73 11.93
CA GLU A 101 -2.93 25.77 11.78
C GLU A 101 -2.50 25.26 10.41
N HIS A 102 -3.19 24.25 9.89
CA HIS A 102 -2.81 23.60 8.63
C HIS A 102 -3.00 24.55 7.44
N PHE A 103 -4.07 25.33 7.44
CA PHE A 103 -4.32 26.37 6.43
C PHE A 103 -3.86 27.76 6.84
N GLN A 104 -3.48 27.98 8.10
CA GLN A 104 -3.12 29.33 8.55
C GLN A 104 -4.27 30.29 8.29
N ASP A 105 -5.48 29.77 8.41
CA ASP A 105 -6.68 30.49 8.02
C ASP A 105 -7.88 29.77 8.65
N ASP A 106 -9.00 30.47 8.69
CA ASP A 106 -10.26 29.88 9.12
C ASP A 106 -11.07 29.58 7.86
N VAL A 107 -11.08 28.31 7.46
CA VAL A 107 -11.89 27.91 6.30
C VAL A 107 -12.77 26.72 6.66
N PHE A 108 -12.50 26.06 7.77
CA PHE A 108 -13.27 24.89 8.16
C PHE A 108 -14.76 25.18 8.35
N ASN A 109 -15.62 24.31 7.79
CA ASN A 109 -17.09 24.49 7.80
C ASN A 109 -17.65 23.98 9.13
N GLU A 110 -17.33 24.70 10.20
CA GLU A 110 -17.84 24.32 11.53
C GLU A 110 -19.36 24.30 11.55
N LYS A 111 -20.00 25.29 10.92
CA LYS A 111 -21.45 25.38 10.93
C LYS A 111 -22.07 24.14 10.29
N GLY A 112 -21.52 23.72 9.15
CA GLY A 112 -22.10 22.58 8.46
C GLY A 112 -21.95 21.28 9.22
N TRP A 113 -20.82 21.09 9.90
CA TRP A 113 -20.62 19.88 10.68
C TRP A 113 -21.44 19.91 11.96
N ASN A 114 -21.60 21.08 12.58
CA ASN A 114 -22.45 21.16 13.75
C ASN A 114 -23.92 20.91 13.39
N TYR A 115 -24.33 21.27 12.18
CA TYR A 115 -25.67 20.95 11.70
C TYR A 115 -25.95 19.44 11.76
N ILE A 116 -25.04 18.63 11.20
CA ILE A 116 -25.21 17.18 11.22
C ILE A 116 -25.23 16.65 12.64
N LEU A 117 -24.37 17.19 13.51
CA LEU A 117 -24.40 16.82 14.92
C LEU A 117 -25.79 17.08 15.50
N GLU A 118 -26.26 18.31 15.41
CA GLU A 118 -27.48 18.65 16.14
C GLU A 118 -28.72 18.06 15.49
N LYS A 119 -28.72 17.93 14.15
CA LYS A 119 -29.92 17.52 13.44
C LYS A 119 -30.07 16.01 13.37
N TYR A 120 -28.96 15.30 13.19
CA TYR A 120 -29.00 13.86 12.94
C TYR A 120 -28.23 13.07 13.97
N ASP A 121 -27.96 13.67 15.14
CA ASP A 121 -27.17 13.01 16.18
C ASP A 121 -25.87 12.47 15.59
N GLY A 122 -25.28 13.25 14.69
CA GLY A 122 -23.97 12.93 14.14
C GLY A 122 -23.94 11.84 13.09
N HIS A 123 -25.09 11.40 12.57
CA HIS A 123 -25.16 10.42 11.49
C HIS A 123 -25.10 11.14 10.15
N LEU A 124 -24.35 10.58 9.21
CA LEU A 124 -24.18 11.23 7.91
C LEU A 124 -25.44 11.16 7.06
N PRO A 125 -26.01 12.32 6.64
CA PRO A 125 -27.16 12.30 5.70
C PRO A 125 -26.73 12.10 4.25
N ILE A 126 -26.40 10.83 3.97
CA ILE A 126 -25.83 10.36 2.72
C ILE A 126 -26.54 9.08 2.33
N GLU A 127 -26.80 8.90 1.04
CA GLU A 127 -27.30 7.63 0.53
C GLU A 127 -26.31 7.05 -0.47
N ILE A 128 -25.91 5.80 -0.26
CA ILE A 128 -25.00 5.09 -1.14
C ILE A 128 -25.71 3.88 -1.71
N LYS A 129 -25.70 3.76 -3.04
CA LYS A 129 -26.24 2.60 -3.74
C LYS A 129 -25.10 1.93 -4.46
N ALA A 130 -25.08 0.60 -4.43
CA ALA A 130 -23.92 -0.17 -4.88
C ALA A 130 -24.37 -1.48 -5.53
N VAL A 131 -23.56 -1.95 -6.49
CA VAL A 131 -23.70 -3.30 -7.05
C VAL A 131 -23.36 -4.29 -5.94
N PRO A 132 -23.98 -5.49 -5.88
CA PRO A 132 -23.62 -6.42 -4.80
C PRO A 132 -22.14 -6.81 -4.80
N GLU A 133 -21.59 -6.97 -3.62
CA GLU A 133 -20.18 -7.33 -3.52
C GLU A 133 -19.94 -8.73 -4.06
N GLY A 134 -18.79 -8.90 -4.71
CA GLY A 134 -18.46 -10.10 -5.45
C GLY A 134 -18.86 -10.07 -6.92
N PHE A 135 -19.78 -9.17 -7.28
CA PHE A 135 -20.18 -9.02 -8.69
C PHE A 135 -18.98 -8.67 -9.54
N VAL A 136 -18.96 -9.30 -10.70
CA VAL A 136 -17.89 -9.15 -11.69
C VAL A 136 -18.46 -8.35 -12.84
N ILE A 137 -17.97 -7.12 -13.00
CA ILE A 137 -18.60 -6.11 -13.84
C ILE A 137 -17.58 -5.59 -14.84
N PRO A 138 -17.92 -5.45 -16.13
CA PRO A 138 -16.96 -4.94 -17.10
C PRO A 138 -16.58 -3.51 -16.76
N ARG A 139 -15.39 -3.12 -17.23
CA ARG A 139 -14.88 -1.76 -17.11
C ARG A 139 -15.89 -0.75 -17.63
N GLY A 140 -15.89 0.42 -16.99
CA GLY A 140 -16.64 1.55 -17.49
C GLY A 140 -18.09 1.59 -17.06
N ASN A 141 -18.42 0.93 -15.96
CA ASN A 141 -19.77 0.85 -15.45
C ASN A 141 -19.86 1.46 -14.05
N VAL A 142 -20.99 2.07 -13.75
CA VAL A 142 -21.17 2.56 -12.39
C VAL A 142 -21.17 1.38 -11.45
N LEU A 143 -20.38 1.47 -10.37
CA LEU A 143 -20.36 0.46 -9.33
C LEU A 143 -21.01 0.93 -8.03
N PHE A 144 -20.88 2.22 -7.69
CA PHE A 144 -21.68 2.77 -6.61
C PHE A 144 -21.88 4.26 -6.84
N THR A 145 -22.94 4.81 -6.23
CA THR A 145 -23.26 6.22 -6.31
C THR A 145 -23.45 6.76 -4.90
N VAL A 146 -23.20 8.06 -4.74
CA VAL A 146 -23.26 8.74 -3.45
C VAL A 146 -24.00 10.06 -3.63
N GLU A 147 -24.93 10.36 -2.73
CA GLU A 147 -25.61 11.66 -2.76
C GLU A 147 -26.05 12.03 -1.35
N ASN A 148 -26.19 13.34 -1.13
CA ASN A 148 -26.68 13.82 0.14
C ASN A 148 -28.20 13.74 0.21
N THR A 149 -28.72 13.51 1.43
CA THR A 149 -30.16 13.34 1.64
C THR A 149 -30.79 14.56 2.28
N ASP A 150 -30.00 15.56 2.64
CA ASP A 150 -30.47 16.80 3.22
C ASP A 150 -29.84 17.91 2.41
N PRO A 151 -30.61 18.90 1.93
CA PRO A 151 -30.02 19.92 1.05
C PRO A 151 -28.90 20.71 1.70
N GLU A 152 -28.91 20.86 3.02
CA GLU A 152 -27.83 21.58 3.68
C GLU A 152 -26.49 20.87 3.52
N CYS A 153 -26.51 19.57 3.22
CA CYS A 153 -25.27 18.79 3.21
C CYS A 153 -24.81 18.45 1.79
N TYR A 154 -25.04 19.36 0.86
CA TYR A 154 -24.58 19.21 -0.52
C TYR A 154 -23.06 19.02 -0.60
N TRP A 155 -22.31 19.60 0.34
CA TRP A 155 -20.85 19.49 0.41
C TRP A 155 -20.37 18.13 0.91
N LEU A 156 -21.25 17.32 1.47
CA LEU A 156 -20.79 16.12 2.18
C LEU A 156 -20.52 14.96 1.22
N THR A 157 -21.23 14.93 0.11
CA THR A 157 -21.05 13.88 -0.88
C THR A 157 -19.60 13.70 -1.25
N ASN A 158 -18.92 14.78 -1.61
CA ASN A 158 -17.52 14.64 -2.02
C ASN A 158 -16.51 14.80 -0.89
N TRP A 159 -16.93 15.22 0.30
CA TRP A 159 -16.08 15.10 1.48
C TRP A 159 -15.56 13.68 1.64
N ILE A 160 -16.44 12.70 1.49
CA ILE A 160 -16.11 11.31 1.75
C ILE A 160 -15.65 10.59 0.47
N GLU A 161 -15.34 11.36 -0.58
CA GLU A 161 -14.70 10.75 -1.75
C GLU A 161 -13.40 10.03 -1.37
N THR A 162 -12.58 10.67 -0.55
CA THR A 162 -11.24 10.16 -0.29
C THR A 162 -11.32 8.80 0.38
N ILE A 163 -12.18 8.67 1.38
N ILE A 163 -12.15 8.70 1.42
CA ILE A 163 -12.32 7.40 2.09
CA ILE A 163 -12.37 7.42 2.10
C ILE A 163 -12.96 6.36 1.18
C ILE A 163 -12.91 6.39 1.11
N LEU A 164 -13.93 6.77 0.36
CA LEU A 164 -14.61 5.78 -0.49
C LEU A 164 -13.73 5.31 -1.64
N VAL A 165 -12.89 6.19 -2.19
CA VAL A 165 -12.07 5.83 -3.33
C VAL A 165 -11.01 4.80 -2.96
N GLN A 166 -10.70 4.69 -1.67
CA GLN A 166 -9.78 3.65 -1.18
C GLN A 166 -10.33 2.25 -1.40
N SER A 167 -11.62 2.12 -1.74
CA SER A 167 -12.12 0.84 -2.25
C SER A 167 -11.37 0.35 -3.50
N TRP A 168 -10.64 1.21 -4.20
CA TRP A 168 -9.83 0.76 -5.34
C TRP A 168 -8.96 -0.41 -4.93
N TYR A 169 -8.49 -0.40 -3.68
CA TYR A 169 -7.46 -1.36 -3.29
C TYR A 169 -8.04 -2.75 -3.15
N PRO A 170 -9.09 -2.99 -2.34
CA PRO A 170 -9.70 -4.34 -2.36
C PRO A 170 -10.27 -4.74 -3.72
N ILE A 171 -10.82 -3.82 -4.49
CA ILE A 171 -11.27 -4.15 -5.83
C ILE A 171 -10.11 -4.67 -6.67
N THR A 172 -8.99 -3.96 -6.64
CA THR A 172 -7.87 -4.32 -7.51
C THR A 172 -7.19 -5.60 -7.03
N VAL A 173 -7.08 -5.82 -5.72
CA VAL A 173 -6.47 -7.07 -5.24
C VAL A 173 -7.34 -8.23 -5.67
N ALA A 174 -8.66 -8.11 -5.43
CA ALA A 174 -9.57 -9.21 -5.77
C ALA A 174 -9.58 -9.48 -7.27
N THR A 175 -9.56 -8.43 -8.07
CA THR A 175 -9.57 -8.57 -9.53
C THR A 175 -8.28 -9.21 -10.04
N ASN A 176 -7.12 -8.70 -9.60
CA ASN A 176 -5.85 -9.25 -10.05
C ASN A 176 -5.66 -10.70 -9.57
N SER A 177 -6.14 -11.01 -8.38
CA SER A 177 -6.07 -12.38 -7.89
C SER A 177 -6.95 -13.30 -8.74
N ARG A 178 -8.18 -12.86 -9.06
CA ARG A 178 -9.07 -13.66 -9.90
C ARG A 178 -8.49 -13.86 -11.30
N GLU A 179 -7.83 -12.85 -11.84
CA GLU A 179 -7.21 -13.00 -13.15
C GLU A 179 -6.09 -14.04 -13.08
N GLN A 180 -5.38 -14.13 -11.95
CA GLN A 180 -4.40 -15.20 -11.80
C GLN A 180 -5.06 -16.55 -11.67
N LYS A 181 -6.21 -16.60 -10.99
CA LYS A 181 -6.96 -17.85 -10.91
C LYS A 181 -7.41 -18.31 -12.29
N LYS A 182 -7.74 -17.37 -13.20
CA LYS A 182 -8.13 -17.76 -14.56
C LYS A 182 -6.97 -18.43 -15.29
N ILE A 183 -5.78 -17.86 -15.17
CA ILE A 183 -4.58 -18.46 -15.76
C ILE A 183 -4.35 -19.85 -15.21
N LEU A 184 -4.36 -19.97 -13.87
CA LEU A 184 -4.13 -21.27 -13.24
C LEU A 184 -5.19 -22.27 -13.65
N ALA A 185 -6.47 -21.84 -13.69
CA ALA A 185 -7.56 -22.74 -14.07
C ALA A 185 -7.34 -23.32 -15.46
N LYS A 186 -7.00 -22.45 -16.41
CA LYS A 186 -6.79 -22.86 -17.80
C LYS A 186 -5.70 -23.92 -17.90
N TYR A 187 -4.52 -23.63 -17.34
CA TYR A 187 -3.40 -24.56 -17.48
C TYR A 187 -3.57 -25.81 -16.62
N LEU A 188 -4.23 -25.71 -15.47
CA LEU A 188 -4.51 -26.92 -14.71
C LEU A 188 -5.49 -27.82 -15.47
N LEU A 189 -6.55 -27.24 -16.05
CA LEU A 189 -7.50 -28.05 -16.82
C LEU A 189 -6.83 -28.68 -18.03
N GLU A 190 -5.97 -27.93 -18.71
CA GLU A 190 -5.30 -28.46 -19.89
CA GLU A 190 -5.30 -28.47 -19.89
C GLU A 190 -4.33 -29.58 -19.53
N THR A 191 -3.54 -29.42 -18.48
CA THR A 191 -2.53 -30.44 -18.17
C THR A 191 -3.03 -31.58 -17.28
N SER A 192 -4.20 -31.47 -16.63
CA SER A 192 -4.67 -32.51 -15.73
C SER A 192 -6.09 -32.98 -16.00
N GLY A 193 -6.91 -32.19 -16.69
CA GLY A 193 -8.29 -32.52 -16.96
C GLY A 193 -9.29 -32.13 -15.90
N ASN A 194 -8.85 -31.52 -14.79
CA ASN A 194 -9.82 -31.02 -13.84
C ASN A 194 -9.20 -29.81 -13.15
N LEU A 195 -9.92 -29.31 -12.13
CA LEU A 195 -9.50 -28.13 -11.36
C LEU A 195 -9.26 -28.47 -9.88
N ASP A 196 -9.02 -29.73 -9.56
CA ASP A 196 -8.76 -30.12 -8.19
C ASP A 196 -7.60 -29.31 -7.62
N GLY A 197 -7.83 -28.72 -6.45
CA GLY A 197 -6.78 -28.01 -5.75
C GLY A 197 -6.60 -26.58 -6.19
N LEU A 198 -7.36 -26.13 -7.20
CA LEU A 198 -7.18 -24.77 -7.73
C LEU A 198 -7.15 -23.71 -6.62
N GLU A 199 -8.09 -23.82 -5.66
CA GLU A 199 -8.24 -22.83 -4.59
C GLU A 199 -7.03 -22.71 -3.65
N TYR A 200 -6.06 -23.61 -3.74
CA TYR A 200 -4.85 -23.56 -2.93
C TYR A 200 -3.61 -23.28 -3.77
N LYS A 201 -3.78 -22.91 -5.02
CA LYS A 201 -2.66 -22.83 -5.94
C LYS A 201 -1.96 -21.47 -5.91
N LEU A 202 -2.54 -20.46 -5.28
CA LEU A 202 -1.92 -19.13 -5.12
C LEU A 202 -2.07 -18.70 -3.66
N HIS A 203 -0.96 -18.79 -2.90
CA HIS A 203 -0.89 -18.55 -1.48
C HIS A 203 -0.40 -17.12 -1.26
N ASP A 204 -1.02 -16.47 -0.32
CA ASP A 204 -0.73 -15.07 0.04
C ASP A 204 0.44 -15.09 1.01
N PHE A 205 1.57 -14.56 0.52
CA PHE A 205 2.80 -14.34 1.28
C PHE A 205 3.05 -12.86 1.54
N GLY A 206 2.04 -12.02 1.43
CA GLY A 206 2.26 -10.59 1.34
C GLY A 206 2.31 -9.79 2.61
N TYR A 207 2.24 -10.41 3.79
CA TYR A 207 2.06 -9.64 5.02
C TYR A 207 3.21 -8.65 5.24
N ARG A 208 4.47 -9.09 5.11
CA ARG A 208 5.61 -8.19 5.35
C ARG A 208 5.79 -7.13 4.25
N GLY A 209 5.28 -7.39 3.03
CA GLY A 209 5.51 -6.62 1.84
C GLY A 209 4.48 -5.52 1.58
N VAL A 210 3.44 -5.39 2.39
CA VAL A 210 2.50 -4.31 2.24
C VAL A 210 2.89 -3.15 3.16
N SER A 211 2.17 -2.05 3.02
CA SER A 211 2.56 -0.81 3.67
C SER A 211 2.07 -0.64 5.11
N SER A 212 1.16 -1.48 5.59
CA SER A 212 0.61 -1.31 6.94
C SER A 212 -0.14 -2.55 7.36
N GLN A 213 -0.39 -2.65 8.67
CA GLN A 213 -1.26 -3.70 9.20
C GLN A 213 -2.66 -3.62 8.61
N GLU A 214 -3.21 -2.40 8.48
CA GLU A 214 -4.57 -2.31 7.96
C GLU A 214 -4.63 -2.78 6.52
N THR A 215 -3.65 -2.38 5.71
CA THR A 215 -3.60 -2.84 4.33
C THR A 215 -3.48 -4.35 4.25
N ALA A 216 -2.68 -4.94 5.12
CA ALA A 216 -2.57 -6.39 5.15
C ALA A 216 -3.95 -7.06 5.28
N GLY A 217 -4.74 -6.67 6.27
CA GLY A 217 -6.04 -7.31 6.43
C GLY A 217 -6.95 -7.12 5.23
N ILE A 218 -7.02 -5.89 4.70
CA ILE A 218 -7.93 -5.62 3.58
C ILE A 218 -7.48 -6.43 2.36
N GLY A 219 -6.19 -6.37 2.07
CA GLY A 219 -5.68 -7.04 0.88
C GLY A 219 -5.78 -8.54 1.02
N ALA A 220 -5.44 -9.08 2.19
CA ALA A 220 -5.56 -10.52 2.34
C ALA A 220 -7.01 -10.97 2.22
N SER A 221 -7.96 -10.15 2.68
CA SER A 221 -9.36 -10.55 2.55
C SER A 221 -9.79 -10.56 1.10
N ALA A 222 -9.28 -9.62 0.31
CA ALA A 222 -9.62 -9.54 -1.10
C ALA A 222 -9.06 -10.74 -1.86
N HIS A 223 -7.86 -11.20 -1.51
CA HIS A 223 -7.35 -12.43 -2.10
C HIS A 223 -8.24 -13.64 -1.78
N LEU A 224 -8.74 -13.75 -0.54
CA LEU A 224 -9.56 -14.89 -0.12
C LEU A 224 -10.93 -14.93 -0.80
N VAL A 225 -11.29 -13.87 -1.50
CA VAL A 225 -12.46 -13.95 -2.35
C VAL A 225 -12.28 -15.04 -3.40
N ASN A 226 -11.03 -15.29 -3.81
CA ASN A 226 -10.76 -16.23 -4.90
C ASN A 226 -10.05 -17.51 -4.46
N PHE A 227 -9.28 -17.45 -3.39
CA PHE A 227 -8.43 -18.57 -2.98
C PHE A 227 -8.65 -18.83 -1.50
N LYS A 228 -8.05 -19.92 -1.00
CA LYS A 228 -8.21 -20.32 0.38
C LYS A 228 -6.90 -20.40 1.16
N GLY A 229 -5.75 -20.23 0.51
CA GLY A 229 -4.47 -20.33 1.16
C GLY A 229 -3.86 -18.98 1.44
N THR A 230 -3.54 -18.75 2.71
CA THR A 230 -2.96 -17.47 3.13
C THR A 230 -2.08 -17.63 4.35
N ASP A 231 -0.98 -16.87 4.38
CA ASP A 231 -0.19 -16.65 5.58
C ASP A 231 -0.43 -15.27 6.18
N THR A 232 -1.24 -14.44 5.54
CA THR A 232 -1.53 -13.09 6.03
C THR A 232 -2.73 -13.17 6.97
N VAL A 233 -2.41 -13.54 8.21
CA VAL A 233 -3.39 -13.81 9.27
C VAL A 233 -4.40 -12.67 9.42
N ALA A 234 -3.93 -11.44 9.27
CA ALA A 234 -4.77 -10.27 9.45
C ALA A 234 -6.09 -10.34 8.67
N GLY A 235 -6.10 -10.99 7.51
CA GLY A 235 -7.32 -11.06 6.73
C GLY A 235 -8.44 -11.87 7.38
N LEU A 236 -8.08 -12.85 8.22
CA LEU A 236 -9.08 -13.71 8.86
C LEU A 236 -10.01 -12.90 9.77
N ALA A 237 -9.43 -12.05 10.64
CA ALA A 237 -10.26 -11.31 11.59
C ALA A 237 -11.09 -10.25 10.89
N LEU A 238 -10.58 -9.70 9.78
CA LEU A 238 -11.36 -8.71 9.03
C LEU A 238 -12.63 -9.35 8.47
N ILE A 239 -12.49 -10.53 7.87
CA ILE A 239 -13.63 -11.21 7.30
C ILE A 239 -14.65 -11.58 8.37
N LYS A 240 -14.17 -12.11 9.49
CA LYS A 240 -15.06 -12.52 10.59
C LYS A 240 -15.90 -11.33 11.08
N LYS A 241 -15.25 -10.19 11.28
CA LYS A 241 -15.88 -9.03 11.91
C LYS A 241 -16.81 -8.31 10.95
N TYR A 242 -16.44 -8.20 9.67
CA TYR A 242 -17.16 -7.35 8.72
C TYR A 242 -17.99 -8.09 7.67
N TYR A 243 -17.71 -9.35 7.40
CA TYR A 243 -18.41 -10.06 6.33
C TYR A 243 -19.05 -11.37 6.80
N GLY A 244 -18.26 -12.26 7.41
CA GLY A 244 -18.74 -13.52 7.97
C GLY A 244 -18.66 -14.72 7.04
N THR A 245 -18.29 -15.89 7.58
CA THR A 245 -18.37 -17.13 6.84
C THR A 245 -19.04 -18.20 7.68
N LYS A 246 -19.75 -19.11 6.99
CA LYS A 246 -20.24 -20.33 7.62
C LYS A 246 -19.10 -21.13 8.23
N ASP A 247 -17.99 -21.26 7.51
CA ASP A 247 -16.87 -22.02 8.05
C ASP A 247 -16.20 -21.22 9.17
N PRO A 248 -15.56 -21.91 10.12
CA PRO A 248 -14.81 -21.19 11.18
C PRO A 248 -13.85 -20.14 10.64
N VAL A 249 -13.05 -20.49 9.64
CA VAL A 249 -12.12 -19.51 9.05
C VAL A 249 -12.20 -19.51 7.53
N PRO A 250 -11.91 -18.38 6.88
CA PRO A 250 -11.95 -18.31 5.41
C PRO A 250 -10.68 -18.78 4.73
N GLY A 251 -9.61 -19.00 5.48
CA GLY A 251 -8.35 -19.38 4.85
C GLY A 251 -7.46 -20.17 5.79
N TYR A 252 -6.52 -20.88 5.18
CA TYR A 252 -5.79 -21.96 5.79
C TYR A 252 -4.31 -21.88 5.45
N SER A 253 -3.48 -22.48 6.29
CA SER A 253 -2.06 -22.58 6.00
C SER A 253 -1.51 -23.91 6.45
N VAL A 254 -0.22 -24.11 6.16
CA VAL A 254 0.52 -25.32 6.55
C VAL A 254 1.80 -24.89 7.24
N PRO A 255 2.37 -25.76 8.07
CA PRO A 255 3.70 -25.47 8.61
C PRO A 255 4.71 -25.32 7.48
N ALA A 256 5.70 -24.48 7.72
CA ALA A 256 6.67 -24.18 6.68
C ALA A 256 7.89 -23.56 7.34
N ALA A 257 9.04 -23.82 6.75
CA ALA A 257 10.31 -23.29 7.23
C ALA A 257 10.60 -21.92 6.59
N GLU A 258 11.49 -21.15 7.22
CA GLU A 258 12.06 -19.93 6.67
C GLU A 258 13.59 -20.05 6.71
N HIS A 259 14.31 -19.07 6.17
CA HIS A 259 15.77 -19.24 6.14
C HIS A 259 16.35 -19.28 7.53
N SER A 260 15.75 -18.59 8.50
CA SER A 260 16.28 -18.64 9.86
C SER A 260 16.22 -20.05 10.43
N THR A 261 15.13 -20.78 10.18
CA THR A 261 15.02 -22.12 10.81
C THR A 261 15.88 -23.15 10.11
N ILE A 262 16.34 -22.88 8.89
CA ILE A 262 17.34 -23.72 8.25
C ILE A 262 18.74 -23.26 8.61
N THR A 263 19.07 -21.97 8.39
CA THR A 263 20.44 -21.55 8.56
C THR A 263 20.89 -21.59 10.02
N ALA A 264 19.96 -21.56 10.97
CA ALA A 264 20.36 -21.55 12.37
C ALA A 264 21.12 -22.82 12.76
N TRP A 265 20.94 -23.89 11.99
CA TRP A 265 21.65 -25.14 12.22
C TRP A 265 23.13 -25.09 11.81
N GLY A 266 23.52 -24.06 11.06
CA GLY A 266 24.85 -23.97 10.47
C GLY A 266 24.91 -24.54 9.07
N LYS A 267 25.80 -23.96 8.25
CA LYS A 267 25.83 -24.31 6.85
C LYS A 267 26.08 -25.79 6.64
N ASP A 268 26.94 -26.39 7.47
CA ASP A 268 27.27 -27.80 7.31
C ASP A 268 26.15 -28.73 7.72
N HIS A 269 25.08 -28.23 8.34
CA HIS A 269 24.06 -29.07 8.94
C HIS A 269 22.68 -28.83 8.31
N GLU A 270 22.66 -28.39 7.06
CA GLU A 270 21.37 -28.20 6.39
C GLU A 270 20.56 -29.49 6.39
N LYS A 271 21.24 -30.62 6.18
CA LYS A 271 20.50 -31.88 6.14
C LYS A 271 19.83 -32.16 7.49
N ASP A 272 20.54 -31.89 8.58
CA ASP A 272 19.97 -32.06 9.91
C ASP A 272 18.74 -31.20 10.12
N ALA A 273 18.78 -29.94 9.64
CA ALA A 273 17.61 -29.10 9.71
C ALA A 273 16.45 -29.71 8.94
N PHE A 274 16.69 -30.09 7.68
CA PHE A 274 15.62 -30.70 6.90
C PHE A 274 15.04 -31.92 7.62
N GLU A 275 15.92 -32.78 8.12
CA GLU A 275 15.43 -34.02 8.73
C GLU A 275 14.60 -33.71 9.97
N HIS A 276 15.05 -32.75 10.78
CA HIS A 276 14.31 -32.39 11.99
C HIS A 276 12.94 -31.84 11.65
N ILE A 277 12.86 -30.98 10.63
CA ILE A 277 11.61 -30.30 10.36
C ILE A 277 10.59 -31.26 9.76
N VAL A 278 11.01 -32.12 8.80
CA VAL A 278 10.00 -33.02 8.22
C VAL A 278 9.58 -34.05 9.26
N THR A 279 10.43 -34.36 10.22
CA THR A 279 10.03 -35.33 11.25
C THR A 279 9.11 -34.68 12.29
N GLN A 280 9.33 -33.39 12.60
CA GLN A 280 8.40 -32.66 13.46
C GLN A 280 7.02 -32.55 12.84
N PHE A 281 6.93 -32.53 11.51
CA PHE A 281 5.67 -32.34 10.80
C PHE A 281 5.47 -33.53 9.88
N SER A 282 5.51 -34.74 10.46
CA SER A 282 5.45 -35.98 9.70
C SER A 282 4.07 -36.25 9.13
N SER A 283 3.01 -35.69 9.72
CA SER A 283 1.65 -36.07 9.37
C SER A 283 0.82 -34.95 8.76
N VAL A 284 1.40 -33.77 8.54
CA VAL A 284 0.71 -32.72 7.79
C VAL A 284 1.61 -32.32 6.63
N PRO A 285 1.07 -31.61 5.64
CA PRO A 285 1.95 -31.03 4.62
C PRO A 285 2.98 -30.13 5.29
N VAL A 286 4.19 -30.13 4.76
CA VAL A 286 5.23 -29.26 5.29
C VAL A 286 6.04 -28.70 4.12
N SER A 287 6.18 -27.39 4.09
CA SER A 287 6.97 -26.69 3.09
C SER A 287 8.35 -26.43 3.67
N VAL A 288 9.39 -26.70 2.88
CA VAL A 288 10.76 -26.53 3.36
C VAL A 288 11.57 -25.75 2.33
N VAL A 289 11.92 -24.50 2.67
CA VAL A 289 12.73 -23.69 1.79
C VAL A 289 14.11 -24.33 1.63
N SER A 290 14.53 -24.50 0.38
CA SER A 290 15.65 -25.37 0.07
C SER A 290 16.79 -24.67 -0.64
N ASP A 291 16.78 -23.33 -0.68
CA ASP A 291 17.75 -22.58 -1.45
C ASP A 291 18.73 -21.82 -0.58
N SER A 292 18.85 -22.15 0.73
CA SER A 292 19.74 -21.36 1.57
C SER A 292 21.14 -21.27 0.98
N TYR A 293 21.63 -22.37 0.40
CA TYR A 293 22.99 -22.37 -0.09
C TYR A 293 23.06 -22.85 -1.53
N ASP A 294 22.37 -23.96 -1.83
CA ASP A 294 22.40 -24.50 -3.18
C ASP A 294 21.13 -25.33 -3.36
N ILE A 295 20.11 -24.70 -3.95
CA ILE A 295 18.82 -25.35 -4.17
C ILE A 295 18.97 -26.64 -4.94
N TYR A 296 19.84 -26.66 -5.95
CA TYR A 296 19.92 -27.86 -6.81
C TYR A 296 20.60 -29.00 -6.07
N ASN A 297 21.61 -28.69 -5.28
CA ASN A 297 22.21 -29.69 -4.39
C ASN A 297 21.18 -30.20 -3.40
N ALA A 298 20.40 -29.30 -2.79
CA ALA A 298 19.40 -29.73 -1.82
C ALA A 298 18.42 -30.70 -2.46
N CYS A 299 17.98 -30.41 -3.69
CA CYS A 299 17.00 -31.28 -4.33
C CYS A 299 17.63 -32.61 -4.69
N GLU A 300 18.83 -32.59 -5.30
CA GLU A 300 19.35 -33.82 -5.90
C GLU A 300 20.03 -34.71 -4.87
N LYS A 301 20.80 -34.12 -3.94
CA LYS A 301 21.57 -34.89 -2.97
C LYS A 301 20.91 -34.98 -1.59
N ILE A 302 20.36 -33.90 -1.04
CA ILE A 302 19.83 -33.98 0.33
C ILE A 302 18.46 -34.62 0.32
N TRP A 303 17.50 -34.03 -0.41
CA TRP A 303 16.20 -34.66 -0.52
C TRP A 303 16.25 -35.92 -1.37
N GLY A 304 17.01 -35.88 -2.46
CA GLY A 304 16.94 -36.92 -3.46
C GLY A 304 17.74 -38.15 -3.13
N GLU A 305 18.62 -38.05 -2.14
CA GLU A 305 19.44 -39.19 -1.72
C GLU A 305 19.48 -39.34 -0.21
N ASP A 306 20.12 -38.42 0.51
CA ASP A 306 20.32 -38.58 1.94
C ASP A 306 19.03 -38.77 2.69
N LEU A 307 17.99 -37.99 2.34
CA LEU A 307 16.74 -37.96 3.10
C LEU A 307 15.57 -38.56 2.32
N ARG A 308 15.83 -39.13 1.15
CA ARG A 308 14.77 -39.68 0.31
C ARG A 308 13.88 -40.65 1.08
N HIS A 309 14.45 -41.42 2.02
CA HIS A 309 13.67 -42.40 2.76
C HIS A 309 12.64 -41.76 3.68
N LEU A 310 12.81 -40.49 4.02
CA LEU A 310 11.83 -39.81 4.85
C LEU A 310 10.72 -39.15 4.03
N ILE A 311 10.89 -39.08 2.72
CA ILE A 311 9.94 -38.48 1.81
C ILE A 311 9.00 -39.51 1.20
N VAL A 312 9.55 -40.60 0.67
CA VAL A 312 8.70 -41.58 -0.02
C VAL A 312 7.78 -42.32 0.94
N SER A 313 8.01 -42.18 2.23
CA SER A 313 7.18 -42.74 3.28
C SER A 313 5.98 -41.85 3.63
N ARG A 314 5.91 -40.64 3.09
CA ARG A 314 4.89 -39.70 3.51
C ARG A 314 3.56 -39.97 2.83
N SER A 315 2.50 -39.51 3.47
CA SER A 315 1.14 -39.66 2.98
C SER A 315 0.83 -38.69 1.85
N THR A 316 -0.17 -39.06 1.06
CA THR A 316 -0.70 -38.17 0.04
C THR A 316 -1.32 -36.91 0.63
N GLN A 317 -1.83 -36.97 1.86
CA GLN A 317 -2.41 -35.82 2.53
C GLN A 317 -1.36 -35.00 3.28
N ALA A 318 -0.09 -35.41 3.25
CA ALA A 318 0.97 -34.78 4.03
C ALA A 318 2.27 -34.77 3.23
N PRO A 319 2.23 -34.21 2.03
CA PRO A 319 3.44 -34.18 1.20
C PRO A 319 4.50 -33.27 1.79
N LEU A 320 5.74 -33.52 1.38
CA LEU A 320 6.80 -32.51 1.37
C LEU A 320 6.59 -31.56 0.20
N ILE A 321 6.69 -30.27 0.47
CA ILE A 321 6.57 -29.22 -0.51
C ILE A 321 7.93 -28.54 -0.52
N ILE A 322 8.74 -28.79 -1.55
CA ILE A 322 10.06 -28.15 -1.64
C ILE A 322 9.86 -26.73 -2.15
N ARG A 323 10.51 -25.77 -1.51
CA ARG A 323 10.33 -24.34 -1.85
C ARG A 323 11.64 -23.71 -2.28
N PRO A 324 11.86 -23.53 -3.59
CA PRO A 324 12.92 -22.63 -4.03
C PRO A 324 12.50 -21.20 -3.74
N ASP A 325 13.51 -20.31 -3.65
CA ASP A 325 13.21 -18.92 -3.32
C ASP A 325 14.21 -17.94 -3.92
N SER A 326 14.87 -18.29 -5.00
CA SER A 326 15.84 -17.40 -5.62
C SER A 326 16.11 -17.90 -7.03
N GLY A 327 16.71 -17.04 -7.84
CA GLY A 327 17.05 -17.36 -9.21
C GLY A 327 15.92 -16.98 -10.14
N ASN A 328 16.16 -17.20 -11.43
CA ASN A 328 15.14 -16.92 -12.41
C ASN A 328 13.94 -17.81 -12.09
N PRO A 329 12.73 -17.27 -11.91
CA PRO A 329 11.61 -18.13 -11.46
C PRO A 329 11.30 -19.29 -12.39
N LEU A 330 11.19 -19.07 -13.70
CA LEU A 330 10.87 -20.18 -14.58
C LEU A 330 12.03 -21.16 -14.65
N ASP A 331 13.26 -20.64 -14.87
CA ASP A 331 14.42 -21.53 -14.99
C ASP A 331 14.56 -22.41 -13.75
N THR A 332 14.33 -21.83 -12.58
CA THR A 332 14.53 -22.56 -11.34
C THR A 332 13.47 -23.65 -11.17
N VAL A 333 12.20 -23.29 -11.38
CA VAL A 333 11.12 -24.29 -11.32
C VAL A 333 11.43 -25.45 -12.25
N LEU A 334 11.82 -25.15 -13.50
CA LEU A 334 12.02 -26.22 -14.49
C LEU A 334 13.19 -27.12 -14.09
N LYS A 335 14.29 -26.54 -13.65
CA LYS A 335 15.45 -27.33 -13.23
C LYS A 335 15.14 -28.14 -11.98
N VAL A 336 14.43 -27.56 -11.00
CA VAL A 336 14.03 -28.31 -9.81
C VAL A 336 13.19 -29.53 -10.21
N LEU A 337 12.21 -29.34 -11.11
CA LEU A 337 11.38 -30.47 -11.53
C LEU A 337 12.20 -31.53 -12.25
N GLU A 338 13.11 -31.11 -13.13
CA GLU A 338 13.96 -32.08 -13.82
C GLU A 338 14.79 -32.89 -12.81
N ILE A 339 15.39 -32.21 -11.84
CA ILE A 339 16.13 -32.91 -10.79
C ILE A 339 15.24 -33.90 -10.06
N LEU A 340 14.05 -33.45 -9.61
CA LEU A 340 13.22 -34.33 -8.80
C LEU A 340 12.68 -35.49 -9.63
N GLY A 341 12.43 -35.25 -10.91
CA GLY A 341 11.95 -36.31 -11.79
C GLY A 341 12.97 -37.38 -12.11
N LYS A 342 14.25 -37.11 -11.85
CA LYS A 342 15.26 -38.13 -12.01
C LYS A 342 15.54 -38.89 -10.71
N LYS A 343 15.14 -38.35 -9.56
CA LYS A 343 15.36 -39.00 -8.26
C LYS A 343 14.10 -39.64 -7.69
N PHE A 344 12.93 -39.29 -8.21
CA PHE A 344 11.67 -39.82 -7.71
C PHE A 344 10.85 -40.40 -8.85
N PRO A 345 9.98 -41.35 -8.56
CA PRO A 345 9.22 -41.99 -9.65
C PRO A 345 8.17 -41.08 -10.27
N VAL A 346 8.34 -40.73 -11.54
CA VAL A 346 7.36 -39.90 -12.24
C VAL A 346 6.35 -40.76 -12.97
N THR A 347 5.08 -40.38 -12.95
CA THR A 347 4.07 -40.96 -13.81
C THR A 347 3.68 -39.98 -14.91
N GLU A 348 2.91 -40.49 -15.89
CA GLU A 348 2.33 -39.67 -16.94
C GLU A 348 0.83 -39.77 -16.78
N ASN A 349 0.19 -38.62 -16.59
CA ASN A 349 -1.23 -38.62 -16.33
C ASN A 349 -2.03 -38.80 -17.63
N SER A 350 -3.36 -38.74 -17.52
N SER A 350 -3.35 -38.74 -17.51
CA SER A 350 -4.19 -39.09 -18.66
CA SER A 350 -4.19 -39.07 -18.65
C SER A 350 -4.12 -38.05 -19.78
C SER A 350 -4.11 -38.05 -19.77
N LYS A 351 -3.54 -36.88 -19.52
CA LYS A 351 -3.38 -35.87 -20.54
C LYS A 351 -1.99 -35.86 -21.14
N GLY A 352 -1.11 -36.74 -20.67
CA GLY A 352 0.22 -36.85 -21.19
C GLY A 352 1.25 -36.06 -20.40
N TYR A 353 0.88 -35.51 -19.26
CA TYR A 353 1.79 -34.65 -18.54
C TYR A 353 2.40 -35.37 -17.35
N LYS A 354 3.66 -35.07 -17.10
CA LYS A 354 4.42 -35.68 -16.03
C LYS A 354 3.94 -35.23 -14.66
N LEU A 355 3.97 -36.16 -13.72
CA LEU A 355 3.40 -35.97 -12.39
C LEU A 355 4.30 -36.63 -11.35
N LEU A 356 4.83 -35.81 -10.43
CA LEU A 356 5.60 -36.29 -9.30
C LEU A 356 4.76 -37.21 -8.43
N PRO A 357 5.39 -38.09 -7.66
CA PRO A 357 4.63 -38.87 -6.70
C PRO A 357 3.84 -37.97 -5.77
N PRO A 358 2.75 -38.49 -5.19
CA PRO A 358 1.83 -37.61 -4.44
C PRO A 358 2.40 -37.10 -3.11
N TYR A 359 3.47 -37.69 -2.59
CA TYR A 359 4.09 -37.23 -1.37
C TYR A 359 5.07 -36.08 -1.60
N LEU A 360 5.19 -35.59 -2.85
CA LEU A 360 6.20 -34.61 -3.23
C LEU A 360 5.60 -33.56 -4.15
N ARG A 361 5.73 -32.28 -3.75
CA ARG A 361 5.25 -31.16 -4.51
C ARG A 361 6.26 -30.02 -4.40
N VAL A 362 5.98 -28.93 -5.12
CA VAL A 362 6.85 -27.77 -5.20
C VAL A 362 6.00 -26.54 -5.01
N ILE A 363 6.55 -25.53 -4.35
CA ILE A 363 5.92 -24.23 -4.30
C ILE A 363 6.95 -23.18 -4.70
N GLN A 364 6.62 -22.39 -5.69
CA GLN A 364 7.47 -21.27 -6.11
C GLN A 364 6.92 -20.02 -5.43
N GLY A 365 7.69 -19.47 -4.52
CA GLY A 365 7.25 -18.36 -3.67
C GLY A 365 8.06 -17.09 -3.80
N ASP A 366 8.86 -16.99 -4.85
CA ASP A 366 9.71 -15.84 -5.12
C ASP A 366 9.44 -15.31 -6.53
N GLY A 367 9.30 -14.00 -6.68
CA GLY A 367 9.19 -13.42 -8.00
C GLY A 367 7.87 -13.64 -8.71
N VAL A 368 6.82 -14.02 -7.99
CA VAL A 368 5.54 -14.37 -8.63
C VAL A 368 4.67 -13.13 -8.70
N ASP A 369 4.31 -12.74 -9.92
CA ASP A 369 3.17 -11.84 -10.13
C ASP A 369 2.36 -12.37 -11.31
N ILE A 370 1.38 -11.61 -11.77
CA ILE A 370 0.50 -12.18 -12.77
C ILE A 370 1.27 -12.47 -14.06
N ASN A 371 2.33 -11.70 -14.35
CA ASN A 371 3.11 -11.92 -15.57
C ASN A 371 4.00 -13.15 -15.43
N THR A 372 4.72 -13.28 -14.33
CA THR A 372 5.64 -14.42 -14.22
C THR A 372 4.86 -15.73 -13.97
N LEU A 373 3.72 -15.64 -13.31
CA LEU A 373 2.85 -16.80 -13.14
C LEU A 373 2.55 -17.45 -14.49
N GLN A 374 2.07 -16.63 -15.43
CA GLN A 374 1.80 -17.05 -16.80
C GLN A 374 3.04 -17.64 -17.48
N GLU A 375 4.19 -16.96 -17.36
CA GLU A 375 5.41 -17.51 -17.97
C GLU A 375 5.73 -18.89 -17.40
N ILE A 376 5.55 -19.07 -16.09
CA ILE A 376 5.96 -20.31 -15.46
C ILE A 376 5.04 -21.44 -15.92
N VAL A 377 3.72 -21.24 -15.86
CA VAL A 377 2.85 -22.37 -16.20
C VAL A 377 2.95 -22.68 -17.69
N GLU A 378 3.14 -21.67 -18.56
CA GLU A 378 3.36 -21.95 -19.96
C GLU A 378 4.67 -22.70 -20.16
N GLY A 379 5.71 -22.34 -19.43
CA GLY A 379 6.98 -23.03 -19.56
C GLY A 379 6.90 -24.47 -19.08
N MET A 380 6.20 -24.69 -17.96
CA MET A 380 5.95 -26.06 -17.51
C MET A 380 5.19 -26.86 -18.55
N LYS A 381 4.15 -26.26 -19.12
CA LYS A 381 3.37 -26.99 -20.11
C LYS A 381 4.25 -27.38 -21.28
N GLN A 382 5.15 -26.50 -21.71
CA GLN A 382 5.97 -26.81 -22.86
C GLN A 382 6.99 -27.92 -22.55
N LYS A 383 7.36 -28.10 -21.28
CA LYS A 383 8.23 -29.18 -20.89
C LYS A 383 7.45 -30.39 -20.37
N MET A 384 6.15 -30.45 -20.62
CA MET A 384 5.31 -31.62 -20.31
C MET A 384 5.17 -31.88 -18.80
N TRP A 385 5.21 -30.85 -17.97
CA TRP A 385 4.94 -30.97 -16.54
C TRP A 385 3.52 -30.54 -16.24
N SER A 386 2.82 -31.34 -15.45
CA SER A 386 1.47 -30.95 -15.04
C SER A 386 1.51 -29.81 -14.03
N ILE A 387 0.52 -28.92 -14.12
CA ILE A 387 0.40 -27.89 -13.09
C ILE A 387 -0.03 -28.50 -11.76
N GLU A 388 -0.44 -29.77 -11.74
CA GLU A 388 -0.66 -30.41 -10.44
C GLU A 388 0.59 -30.37 -9.56
N ASN A 389 1.76 -30.35 -10.17
CA ASN A 389 3.00 -30.46 -9.41
C ASN A 389 3.31 -29.23 -8.56
N ILE A 390 2.71 -28.10 -8.87
CA ILE A 390 3.22 -26.81 -8.42
C ILE A 390 2.11 -26.00 -7.79
N ALA A 391 2.51 -25.16 -6.82
CA ALA A 391 1.69 -24.11 -6.27
C ALA A 391 2.57 -22.87 -6.25
N PHE A 392 1.92 -21.73 -6.08
CA PHE A 392 2.65 -20.46 -6.09
C PHE A 392 2.38 -19.70 -4.79
N GLY A 393 3.40 -18.98 -4.36
CA GLY A 393 3.27 -18.01 -3.28
C GLY A 393 3.62 -16.64 -3.83
N SER A 394 2.86 -15.64 -3.42
CA SER A 394 3.09 -14.30 -3.95
C SER A 394 2.81 -13.30 -2.85
N GLY A 395 3.71 -12.32 -2.70
CA GLY A 395 3.61 -11.38 -1.60
C GLY A 395 3.38 -9.97 -2.08
N GLY A 396 4.45 -9.23 -2.33
CA GLY A 396 4.31 -7.90 -2.88
C GLY A 396 3.60 -7.87 -4.22
N GLY A 397 3.83 -8.89 -5.07
CA GLY A 397 3.15 -8.91 -6.35
C GLY A 397 1.64 -9.03 -6.19
N LEU A 398 1.21 -9.74 -5.15
CA LEU A 398 -0.20 -10.00 -4.91
C LEU A 398 -0.89 -8.84 -4.20
N LEU A 399 -0.23 -8.22 -3.22
CA LEU A 399 -0.88 -7.26 -2.35
C LEU A 399 -0.32 -5.85 -2.39
N GLN A 400 0.90 -5.64 -2.91
CA GLN A 400 1.45 -4.29 -2.84
C GLN A 400 1.74 -3.64 -4.19
N LYS A 401 2.15 -4.42 -5.18
CA LYS A 401 2.53 -3.90 -6.51
C LYS A 401 1.28 -3.67 -7.36
N LEU A 402 0.45 -2.72 -6.90
CA LEU A 402 -0.84 -2.40 -7.49
C LEU A 402 -1.12 -0.95 -7.17
N THR A 403 -1.80 -0.27 -8.10
CA THR A 403 -2.15 1.14 -7.93
C THR A 403 -3.55 1.39 -8.47
N ARG A 404 -4.06 2.59 -8.16
CA ARG A 404 -5.41 2.98 -8.56
C ARG A 404 -5.52 3.15 -10.08
N ASP A 405 -4.42 3.30 -10.79
CA ASP A 405 -4.52 3.47 -12.23
C ASP A 405 -4.56 2.15 -13.00
N LEU A 406 -4.37 1.00 -12.34
CA LEU A 406 -4.46 -0.26 -13.06
C LEU A 406 -5.86 -0.46 -13.64
N LEU A 407 -6.90 -0.19 -12.85
CA LEU A 407 -8.28 -0.23 -13.31
C LEU A 407 -8.92 1.15 -13.42
N ASN A 408 -8.17 2.21 -13.16
CA ASN A 408 -8.66 3.59 -13.32
C ASN A 408 -9.87 3.83 -12.44
N CYS A 409 -9.76 3.41 -11.18
CA CYS A 409 -10.80 3.59 -10.17
C CYS A 409 -10.96 5.07 -9.89
N SER A 410 -12.18 5.58 -10.06
CA SER A 410 -12.38 7.02 -10.10
C SER A 410 -13.79 7.41 -9.65
N PHE A 411 -13.86 8.55 -8.99
CA PHE A 411 -15.06 9.06 -8.33
C PHE A 411 -15.29 10.48 -8.84
N LYS A 412 -16.47 10.72 -9.41
CA LYS A 412 -16.77 11.99 -10.06
C LYS A 412 -18.21 12.37 -9.82
N CYS A 413 -18.44 13.68 -9.69
CA CYS A 413 -19.78 14.24 -9.66
C CYS A 413 -20.39 14.21 -11.07
N SER A 414 -21.61 13.64 -11.18
CA SER A 414 -22.35 13.54 -12.43
C SER A 414 -23.66 14.31 -12.44
N TYR A 415 -24.15 14.78 -11.29
CA TYR A 415 -25.47 15.42 -11.23
C TYR A 415 -25.53 16.34 -10.04
N VAL A 416 -26.05 17.55 -10.24
CA VAL A 416 -26.32 18.46 -9.13
C VAL A 416 -27.71 19.04 -9.34
N VAL A 417 -28.29 19.53 -8.25
CA VAL A 417 -29.50 20.35 -8.29
C VAL A 417 -29.12 21.74 -7.77
N THR A 418 -29.39 22.75 -8.58
CA THR A 418 -29.09 24.15 -8.25
C THR A 418 -30.34 24.95 -8.61
N ASN A 419 -30.82 25.76 -7.67
CA ASN A 419 -32.03 26.54 -7.87
C ASN A 419 -33.18 25.63 -8.30
N GLY A 420 -33.22 24.44 -7.71
CA GLY A 420 -34.27 23.47 -7.91
C GLY A 420 -34.26 22.75 -9.24
N LEU A 421 -33.28 22.97 -10.11
CA LEU A 421 -33.19 22.27 -11.39
C LEU A 421 -31.99 21.33 -11.39
N GLY A 422 -32.21 20.08 -11.80
CA GLY A 422 -31.10 19.15 -11.94
C GLY A 422 -30.36 19.42 -13.23
N ILE A 423 -29.03 19.33 -13.18
CA ILE A 423 -28.19 19.52 -14.35
C ILE A 423 -27.19 18.37 -14.38
N ASN A 424 -26.93 17.87 -15.58
CA ASN A 424 -26.01 16.77 -15.79
C ASN A 424 -24.63 17.38 -15.98
N VAL A 425 -23.69 16.96 -15.15
CA VAL A 425 -22.36 17.53 -15.15
C VAL A 425 -21.31 16.45 -15.39
N PHE A 426 -20.15 16.90 -15.83
CA PHE A 426 -19.13 16.02 -16.35
C PHE A 426 -17.88 16.83 -16.64
N LYS A 427 -16.77 16.11 -16.72
CA LYS A 427 -15.52 16.58 -17.26
C LYS A 427 -15.23 15.90 -18.59
N ASP A 428 -14.43 16.56 -19.41
CA ASP A 428 -14.10 16.07 -20.74
C ASP A 428 -12.81 16.74 -21.20
N PRO A 429 -11.65 16.40 -20.60
CA PRO A 429 -10.45 17.17 -20.92
C PRO A 429 -10.03 16.97 -22.35
N VAL A 430 -9.70 18.09 -23.00
CA VAL A 430 -9.38 18.11 -24.42
C VAL A 430 -8.27 17.12 -24.76
N ALA A 431 -7.28 17.00 -23.89
CA ALA A 431 -6.10 16.21 -24.22
C ALA A 431 -6.22 14.75 -23.80
N ASP A 432 -7.34 14.32 -23.20
CA ASP A 432 -7.43 12.93 -22.79
C ASP A 432 -8.89 12.50 -22.71
N PRO A 433 -9.45 12.07 -23.83
CA PRO A 433 -10.84 11.57 -23.82
C PRO A 433 -11.05 10.41 -22.86
N ASN A 434 -10.00 9.69 -22.47
CA ASN A 434 -10.17 8.60 -21.53
C ASN A 434 -10.64 9.08 -20.16
N LYS A 435 -10.44 10.37 -19.84
CA LYS A 435 -10.86 10.95 -18.57
C LYS A 435 -12.24 11.61 -18.64
N ARG A 436 -12.92 11.55 -19.77
CA ARG A 436 -14.31 11.94 -19.82
C ARG A 436 -15.14 11.14 -18.82
N SER A 437 -16.00 11.82 -18.08
CA SER A 437 -16.87 11.18 -17.08
C SER A 437 -18.32 11.16 -17.56
N LYS A 438 -19.14 10.37 -16.85
CA LYS A 438 -20.53 10.14 -17.21
C LYS A 438 -21.41 11.31 -16.75
N LYS A 439 -22.56 11.46 -17.43
CA LYS A 439 -23.47 12.58 -17.24
C LYS A 439 -24.75 12.12 -16.56
N GLY A 440 -25.15 12.84 -15.50
CA GLY A 440 -26.46 12.71 -14.92
C GLY A 440 -26.60 11.59 -13.92
N ARG A 441 -27.87 11.32 -13.61
CA ARG A 441 -28.24 10.22 -12.74
C ARG A 441 -28.02 8.90 -13.46
N LEU A 442 -27.41 7.93 -12.76
CA LEU A 442 -26.90 6.71 -13.36
C LEU A 442 -27.62 5.52 -12.79
N SER A 443 -27.63 4.46 -13.57
CA SER A 443 -28.14 3.17 -13.13
C SER A 443 -27.49 2.07 -13.96
N LEU A 444 -27.41 0.88 -13.36
CA LEU A 444 -26.73 -0.30 -13.90
C LEU A 444 -27.76 -1.37 -14.29
N HIS A 445 -27.68 -1.87 -15.51
CA HIS A 445 -28.72 -2.80 -15.97
C HIS A 445 -28.12 -3.99 -16.70
N ARG A 446 -28.87 -5.09 -16.73
CA ARG A 446 -28.61 -6.16 -17.69
C ARG A 446 -29.10 -5.75 -19.07
N THR A 447 -28.33 -6.13 -20.08
CA THR A 447 -28.72 -5.97 -21.48
C THR A 447 -29.52 -7.17 -21.93
N PRO A 448 -30.18 -7.09 -23.08
CA PRO A 448 -30.94 -8.27 -23.54
C PRO A 448 -30.07 -9.48 -23.76
N ALA A 449 -28.80 -9.29 -24.12
CA ALA A 449 -27.87 -10.41 -24.25
C ALA A 449 -27.23 -10.83 -22.95
N GLY A 450 -27.66 -10.28 -21.80
CA GLY A 450 -27.11 -10.69 -20.52
C GLY A 450 -25.84 -9.99 -20.10
N ASN A 451 -25.41 -8.95 -20.82
CA ASN A 451 -24.24 -8.17 -20.45
C ASN A 451 -24.68 -7.03 -19.54
N PHE A 452 -23.81 -6.07 -19.32
CA PHE A 452 -24.11 -4.93 -18.45
C PHE A 452 -24.09 -3.65 -19.26
N VAL A 453 -24.90 -2.67 -18.83
CA VAL A 453 -24.88 -1.32 -19.39
C VAL A 453 -25.19 -0.32 -18.28
N THR A 454 -24.51 0.82 -18.30
CA THR A 454 -24.81 1.91 -17.39
C THR A 454 -25.61 2.95 -18.18
N LEU A 455 -26.78 3.30 -17.65
CA LEU A 455 -27.64 4.27 -18.30
C LEU A 455 -27.38 5.63 -17.67
N GLU A 456 -27.16 6.63 -18.52
CA GLU A 456 -26.84 7.98 -18.08
C GLU A 456 -28.07 8.87 -18.20
N GLU A 457 -27.96 10.08 -17.63
CA GLU A 457 -28.96 11.12 -17.81
C GLU A 457 -30.35 10.71 -17.32
N GLY A 458 -30.40 9.88 -16.27
CA GLY A 458 -31.65 9.45 -15.69
C GLY A 458 -32.48 8.53 -16.56
N LYS A 459 -31.90 8.03 -17.66
CA LYS A 459 -32.66 7.23 -18.61
C LYS A 459 -33.09 5.87 -18.05
N GLY A 460 -32.47 5.41 -16.96
CA GLY A 460 -33.00 4.25 -16.25
C GLY A 460 -34.46 4.40 -15.88
N ASP A 461 -34.92 5.63 -15.66
CA ASP A 461 -36.32 5.88 -15.32
C ASP A 461 -37.29 5.47 -16.42
N LEU A 462 -36.81 5.35 -17.67
CA LEU A 462 -37.68 4.92 -18.76
C LEU A 462 -38.04 3.46 -18.67
N GLU A 463 -37.30 2.67 -17.89
CA GLU A 463 -37.64 1.28 -17.61
C GLU A 463 -37.67 0.45 -18.88
N GLU A 464 -36.71 0.68 -19.77
CA GLU A 464 -36.52 -0.16 -20.95
C GLU A 464 -35.55 -1.30 -20.71
N TYR A 465 -34.86 -1.31 -19.58
CA TYR A 465 -33.73 -2.20 -19.31
C TYR A 465 -33.87 -2.93 -17.98
N GLY A 466 -35.08 -3.17 -17.51
CA GLY A 466 -35.19 -3.98 -16.31
C GLY A 466 -34.66 -3.22 -15.09
N GLN A 467 -34.47 -3.98 -14.01
CA GLN A 467 -34.23 -3.37 -12.71
C GLN A 467 -32.80 -2.86 -12.58
N ASP A 468 -32.66 -1.67 -12.01
CA ASP A 468 -31.37 -1.20 -11.56
C ASP A 468 -30.72 -2.22 -10.63
N LEU A 469 -29.47 -2.58 -10.92
CA LEU A 469 -28.72 -3.54 -10.11
C LEU A 469 -28.00 -2.90 -8.93
N LEU A 470 -28.00 -1.58 -8.81
CA LEU A 470 -27.53 -0.95 -7.60
C LEU A 470 -28.61 -0.98 -6.53
N HIS A 471 -28.20 -1.31 -5.32
CA HIS A 471 -29.06 -1.37 -4.15
C HIS A 471 -28.57 -0.39 -3.11
N THR A 472 -29.51 0.19 -2.34
CA THR A 472 -29.11 1.06 -1.24
C THR A 472 -28.40 0.25 -0.16
N VAL A 473 -27.14 0.57 0.10
CA VAL A 473 -26.34 -0.13 1.11
C VAL A 473 -26.07 0.75 2.31
N PHE A 474 -26.26 2.06 2.22
CA PHE A 474 -26.03 2.99 3.31
C PHE A 474 -27.03 4.13 3.16
N LYS A 475 -27.66 4.51 4.27
CA LYS A 475 -28.54 5.67 4.26
C LYS A 475 -28.65 6.24 5.67
N ASN A 476 -28.36 7.54 5.78
CA ASN A 476 -28.49 8.31 7.02
C ASN A 476 -27.86 7.58 8.21
N GLY A 477 -26.61 7.14 8.01
CA GLY A 477 -25.78 6.61 9.08
C GLY A 477 -25.97 5.14 9.35
N LYS A 478 -26.83 4.46 8.63
CA LYS A 478 -27.07 3.04 8.85
C LYS A 478 -26.72 2.26 7.60
N VAL A 479 -26.13 1.09 7.82
CA VAL A 479 -25.88 0.15 6.75
C VAL A 479 -27.18 -0.62 6.52
N THR A 480 -27.70 -0.54 5.31
CA THR A 480 -29.04 -1.03 5.04
C THR A 480 -29.09 -2.36 4.31
N LYS A 481 -27.98 -2.81 3.74
CA LYS A 481 -27.88 -4.09 3.06
C LYS A 481 -26.45 -4.56 3.19
N SER A 482 -26.27 -5.83 3.54
CA SER A 482 -24.97 -6.43 3.79
C SER A 482 -24.88 -7.77 3.10
N TYR A 483 -23.64 -8.21 2.83
CA TYR A 483 -23.38 -9.47 2.16
C TYR A 483 -22.43 -10.30 2.99
N SER A 484 -22.66 -11.60 3.03
CA SER A 484 -21.72 -12.45 3.72
C SER A 484 -20.52 -12.72 2.81
N PHE A 485 -19.44 -13.15 3.44
CA PHE A 485 -18.29 -13.49 2.62
C PHE A 485 -18.59 -14.70 1.74
N ASP A 486 -19.50 -15.56 2.20
CA ASP A 486 -19.88 -16.71 1.39
C ASP A 486 -20.60 -16.28 0.12
N GLU A 487 -21.48 -15.29 0.20
CA GLU A 487 -22.16 -14.78 -0.98
C GLU A 487 -21.19 -14.12 -1.93
N ILE A 488 -20.23 -13.35 -1.39
CA ILE A 488 -19.27 -12.66 -2.24
C ILE A 488 -18.45 -13.67 -3.04
N ARG A 489 -17.97 -14.72 -2.38
CA ARG A 489 -17.24 -15.78 -3.08
C ARG A 489 -18.08 -16.42 -4.19
N LYS A 490 -19.36 -16.68 -3.91
CA LYS A 490 -20.21 -17.23 -4.98
C LYS A 490 -20.33 -16.24 -6.13
N ASN A 491 -20.52 -14.96 -5.82
CA ASN A 491 -20.70 -14.01 -6.91
C ASN A 491 -19.44 -13.91 -7.77
N ALA A 492 -18.27 -14.13 -7.18
CA ALA A 492 -17.00 -13.90 -7.85
C ALA A 492 -16.46 -15.16 -8.52
N GLN A 493 -17.24 -16.23 -8.57
CA GLN A 493 -16.74 -17.46 -9.15
C GLN A 493 -16.40 -17.29 -10.62
N LEU A 494 -15.49 -18.14 -11.09
CA LEU A 494 -15.14 -18.18 -12.50
C LEU A 494 -16.26 -18.91 -13.25
N ASN A 495 -16.44 -18.57 -14.53
CA ASN A 495 -17.45 -19.26 -15.33
C ASN A 495 -17.23 -20.77 -15.33
N ILE A 496 -16.13 -21.21 -15.95
CA ILE A 496 -15.82 -22.63 -16.18
C ILE A 496 -17.03 -23.55 -15.97
N PHE B 21 -6.10 -5.00 18.45
CA PHE B 21 -4.88 -5.58 17.88
C PHE B 21 -4.34 -6.68 18.78
N ASN B 22 -3.98 -7.81 18.17
CA ASN B 22 -3.41 -8.95 18.88
C ASN B 22 -2.14 -9.38 18.17
N ILE B 23 -0.98 -9.11 18.79
CA ILE B 23 0.31 -9.41 18.15
C ILE B 23 0.53 -10.91 17.95
N LEU B 24 -0.20 -11.75 18.69
CA LEU B 24 -0.19 -13.18 18.42
C LEU B 24 -0.79 -13.51 17.07
N LEU B 25 -1.60 -12.62 16.54
CA LEU B 25 -2.25 -12.80 15.24
C LEU B 25 -1.67 -11.86 14.20
N ALA B 26 -0.50 -11.28 14.45
CA ALA B 26 0.10 -10.29 13.55
C ALA B 26 1.44 -10.75 13.02
N THR B 27 1.52 -12.01 12.62
CA THR B 27 2.71 -12.61 12.00
C THR B 27 2.30 -13.46 10.78
N ASP B 28 3.29 -13.79 9.93
CA ASP B 28 3.04 -14.74 8.86
C ASP B 28 2.67 -16.07 9.51
N SER B 29 1.63 -16.71 8.97
CA SER B 29 1.18 -17.98 9.54
C SER B 29 2.32 -18.93 9.83
N TYR B 30 3.22 -19.14 8.87
CA TYR B 30 4.23 -20.18 9.06
C TYR B 30 5.09 -19.91 10.30
N LYS B 31 5.20 -18.66 10.74
CA LYS B 31 6.05 -18.38 11.89
C LYS B 31 5.46 -18.96 13.18
N VAL B 32 4.15 -19.22 13.19
CA VAL B 32 3.53 -19.91 14.30
C VAL B 32 4.18 -21.27 14.53
N THR B 33 4.74 -21.86 13.47
CA THR B 33 5.30 -23.22 13.53
C THR B 33 6.80 -23.26 13.69
N HIS B 34 7.46 -22.11 13.79
CA HIS B 34 8.92 -22.12 13.79
C HIS B 34 9.54 -22.51 15.13
N TYR B 35 8.84 -22.31 16.24
CA TYR B 35 9.44 -22.67 17.52
C TYR B 35 9.82 -24.14 17.56
N LYS B 36 9.19 -24.96 16.73
CA LYS B 36 9.48 -26.39 16.64
C LYS B 36 10.54 -26.75 15.62
N GLN B 37 11.16 -25.76 14.94
CA GLN B 37 12.12 -26.00 13.85
C GLN B 37 13.55 -25.57 14.14
N TYR B 38 13.76 -24.67 15.09
CA TYR B 38 15.09 -24.25 15.44
C TYR B 38 15.86 -25.42 16.04
N PRO B 39 17.19 -25.36 16.05
CA PRO B 39 17.97 -26.40 16.75
C PRO B 39 17.59 -26.50 18.21
N PRO B 40 17.46 -27.72 18.74
CA PRO B 40 17.28 -27.88 20.19
C PRO B 40 18.32 -27.12 20.99
N ASN B 41 17.89 -26.62 22.15
CA ASN B 41 18.78 -25.93 23.07
C ASN B 41 19.33 -24.66 22.44
N THR B 42 18.51 -23.99 21.64
CA THR B 42 18.78 -22.64 21.17
C THR B 42 18.26 -21.63 22.19
N SER B 43 19.16 -20.78 22.68
CA SER B 43 18.86 -19.79 23.71
C SER B 43 18.81 -18.37 23.17
N LYS B 44 19.36 -18.16 21.98
CA LYS B 44 19.45 -16.83 21.38
C LYS B 44 19.23 -16.92 19.88
N VAL B 45 18.33 -16.09 19.39
CA VAL B 45 18.21 -15.81 17.96
C VAL B 45 18.38 -14.30 17.77
N TYR B 46 19.30 -13.94 16.89
CA TYR B 46 19.72 -12.55 16.66
C TYR B 46 19.57 -12.27 15.18
N SER B 47 18.80 -11.22 14.86
CA SER B 47 18.46 -10.88 13.49
C SER B 47 18.64 -9.39 13.25
N TYR B 48 18.77 -9.03 11.97
CA TYR B 48 19.06 -7.66 11.57
C TYR B 48 18.28 -7.29 10.31
N PHE B 49 18.10 -6.00 10.14
CA PHE B 49 17.41 -5.42 9.00
C PHE B 49 18.39 -4.57 8.19
N GLU B 50 18.35 -4.72 6.86
CA GLU B 50 19.15 -3.86 5.98
C GLU B 50 18.40 -3.54 4.69
N CYS B 51 18.86 -2.51 3.98
CA CYS B 51 18.37 -2.20 2.65
C CYS B 51 19.46 -2.74 1.74
N ARG B 52 19.32 -4.00 1.37
CA ARG B 52 20.41 -4.76 0.79
C ARG B 52 20.89 -4.13 -0.50
N GLU B 53 22.20 -4.17 -0.69
CA GLU B 53 22.80 -3.70 -1.92
C GLU B 53 22.37 -4.61 -3.06
N LYS B 54 22.06 -4.02 -4.21
CA LYS B 54 21.68 -4.81 -5.38
C LYS B 54 22.78 -4.62 -6.41
N LYS B 55 23.79 -5.50 -6.34
CA LYS B 55 24.93 -5.52 -7.26
C LYS B 55 25.92 -4.41 -6.94
N VAL B 64 17.58 6.42 -11.18
CA VAL B 64 17.69 6.53 -9.73
C VAL B 64 18.18 5.21 -9.15
N LYS B 65 19.38 5.22 -8.59
CA LYS B 65 19.97 4.02 -8.04
C LYS B 65 19.68 3.83 -6.56
N TYR B 66 19.07 4.82 -5.92
CA TYR B 66 18.77 4.77 -4.49
C TYR B 66 19.96 4.23 -3.69
N GLU B 67 21.05 5.01 -3.66
CA GLU B 67 22.29 4.56 -3.04
C GLU B 67 22.31 4.75 -1.53
N GLU B 68 21.42 5.57 -0.99
CA GLU B 68 21.36 5.88 0.44
C GLU B 68 19.89 5.98 0.85
N THR B 69 19.59 5.58 2.09
CA THR B 69 18.22 5.47 2.57
C THR B 69 18.01 6.27 3.85
N VAL B 70 16.83 6.87 3.95
CA VAL B 70 16.42 7.55 5.19
C VAL B 70 15.81 6.51 6.12
N PHE B 71 16.40 6.35 7.31
CA PHE B 71 15.83 5.43 8.29
C PHE B 71 14.73 6.15 9.06
N TYR B 72 13.49 5.77 8.79
CA TYR B 72 12.34 6.41 9.41
C TYR B 72 11.20 5.40 9.53
N GLY B 73 10.57 5.37 10.70
CA GLY B 73 9.29 4.71 10.90
C GLY B 73 9.25 3.66 11.98
N LEU B 74 10.41 3.24 12.50
CA LEU B 74 10.43 2.19 13.51
C LEU B 74 9.77 2.66 14.80
N GLN B 75 9.94 3.92 15.15
CA GLN B 75 9.40 4.41 16.42
C GLN B 75 7.88 4.31 16.44
N TYR B 76 7.23 4.50 15.30
CA TYR B 76 5.78 4.30 15.20
C TYR B 76 5.42 2.87 15.58
N ILE B 77 6.11 1.92 14.96
CA ILE B 77 5.83 0.51 15.18
C ILE B 77 6.09 0.12 16.64
N LEU B 78 7.22 0.56 17.19
CA LEU B 78 7.53 0.25 18.59
C LEU B 78 6.40 0.69 19.52
N ASN B 79 5.92 1.91 19.35
CA ASN B 79 4.91 2.44 20.28
C ASN B 79 3.52 1.88 20.01
N LYS B 80 3.13 1.75 18.74
CA LYS B 80 1.75 1.35 18.50
C LYS B 80 1.52 -0.13 18.74
N TYR B 81 2.54 -0.99 18.47
CA TYR B 81 2.35 -2.42 18.37
C TYR B 81 3.19 -3.24 19.34
N LEU B 82 4.37 -2.78 19.75
CA LEU B 82 5.27 -3.66 20.47
C LEU B 82 5.41 -3.35 21.96
N LYS B 83 5.17 -2.11 22.40
CA LYS B 83 5.50 -1.75 23.78
C LYS B 83 4.36 -2.08 24.73
N GLY B 84 4.73 -2.33 25.98
CA GLY B 84 3.76 -2.48 27.03
C GLY B 84 3.26 -3.90 27.12
N LYS B 85 2.09 -4.05 27.75
CA LYS B 85 1.49 -5.38 27.93
C LYS B 85 0.77 -5.74 26.65
N VAL B 86 1.44 -6.52 25.80
CA VAL B 86 0.88 -6.88 24.50
C VAL B 86 0.34 -8.28 24.51
N VAL B 87 0.47 -8.99 25.62
CA VAL B 87 -0.06 -10.35 25.76
C VAL B 87 -1.03 -10.36 26.93
N THR B 88 -2.19 -10.97 26.72
CA THR B 88 -3.17 -11.20 27.77
C THR B 88 -3.70 -12.61 27.65
N LYS B 89 -4.43 -13.03 28.69
CA LYS B 89 -5.09 -14.34 28.64
C LYS B 89 -6.04 -14.42 27.46
N GLU B 90 -6.79 -13.36 27.22
CA GLU B 90 -7.78 -13.38 26.16
C GLU B 90 -7.12 -13.46 24.78
N LYS B 91 -5.98 -12.77 24.61
CA LYS B 91 -5.29 -12.81 23.32
C LYS B 91 -4.70 -14.18 23.04
N ILE B 92 -4.21 -14.87 24.08
CA ILE B 92 -3.66 -16.21 23.89
C ILE B 92 -4.76 -17.16 23.46
N GLN B 93 -5.92 -17.08 24.13
CA GLN B 93 -7.04 -17.95 23.81
C GLN B 93 -7.58 -17.65 22.41
N GLU B 94 -7.71 -16.37 22.07
CA GLU B 94 -8.14 -16.00 20.73
C GLU B 94 -7.22 -16.63 19.67
N ALA B 95 -5.91 -16.48 19.86
CA ALA B 95 -4.98 -17.00 18.86
C ALA B 95 -5.04 -18.51 18.79
N LYS B 96 -5.10 -19.17 19.95
CA LYS B 96 -5.26 -20.61 20.00
C LYS B 96 -6.43 -21.08 19.15
N ASP B 97 -7.60 -20.44 19.33
CA ASP B 97 -8.79 -20.88 18.62
C ASP B 97 -8.68 -20.61 17.12
N VAL B 98 -8.10 -19.47 16.73
CA VAL B 98 -7.97 -19.17 15.30
C VAL B 98 -7.02 -20.16 14.64
N TYR B 99 -5.86 -20.38 15.26
CA TYR B 99 -4.85 -21.21 14.64
C TYR B 99 -5.26 -22.68 14.59
N LYS B 100 -6.02 -23.14 15.60
CA LYS B 100 -6.59 -24.49 15.54
C LYS B 100 -7.29 -24.72 14.22
N GLU B 101 -8.12 -23.77 13.79
CA GLU B 101 -8.89 -23.91 12.56
C GLU B 101 -8.05 -23.57 11.33
N HIS B 102 -7.16 -22.58 11.45
CA HIS B 102 -6.39 -22.13 10.30
C HIS B 102 -5.44 -23.21 9.83
N PHE B 103 -4.79 -23.92 10.78
CA PHE B 103 -3.90 -25.03 10.49
C PHE B 103 -4.59 -26.38 10.55
N GLN B 104 -5.82 -26.43 11.04
CA GLN B 104 -6.54 -27.69 11.28
C GLN B 104 -5.68 -28.64 12.11
N ASP B 105 -5.04 -28.07 13.13
CA ASP B 105 -4.11 -28.80 13.98
C ASP B 105 -3.69 -27.84 15.08
N ASP B 106 -3.08 -28.42 16.10
N ASP B 106 -2.92 -28.34 16.06
CA ASP B 106 -2.65 -27.75 17.30
CA ASP B 106 -2.76 -27.66 17.35
C ASP B 106 -1.14 -27.59 17.13
C ASP B 106 -1.44 -26.90 17.55
N VAL B 107 -0.74 -26.51 16.48
CA VAL B 107 0.67 -26.14 16.48
C VAL B 107 0.98 -24.85 17.24
N PHE B 108 -0.02 -24.10 17.67
CA PHE B 108 0.26 -22.82 18.31
C PHE B 108 1.00 -22.99 19.65
N ASN B 109 2.04 -22.19 19.87
CA ASN B 109 2.87 -22.26 21.08
C ASN B 109 2.21 -21.54 22.27
N GLU B 110 1.12 -22.15 22.75
CA GLU B 110 0.41 -21.57 23.89
C GLU B 110 1.33 -21.44 25.12
N LYS B 111 2.16 -22.46 25.39
CA LYS B 111 3.00 -22.44 26.58
C LYS B 111 4.02 -21.30 26.52
N GLY B 112 4.64 -21.11 25.34
CA GLY B 112 5.62 -20.06 25.20
C GLY B 112 5.01 -18.68 25.41
N TRP B 113 3.81 -18.47 24.88
CA TRP B 113 3.16 -17.18 25.08
C TRP B 113 2.70 -17.02 26.52
N ASN B 114 2.22 -18.10 27.14
CA ASN B 114 1.88 -18.03 28.57
C ASN B 114 3.08 -17.68 29.43
N TYR B 115 4.27 -18.12 29.04
CA TYR B 115 5.47 -17.79 29.80
C TYR B 115 5.70 -16.28 29.84
N ILE B 116 5.55 -15.62 28.68
CA ILE B 116 5.72 -14.17 28.61
C ILE B 116 4.68 -13.46 29.46
N LEU B 117 3.43 -13.89 29.34
CA LEU B 117 2.39 -13.34 30.20
C LEU B 117 2.77 -13.46 31.68
N GLU B 118 3.13 -14.66 32.12
CA GLU B 118 3.33 -14.88 33.57
C GLU B 118 4.64 -14.27 34.07
N LYS B 119 5.72 -14.36 33.28
CA LYS B 119 7.03 -13.94 33.74
C LYS B 119 7.21 -12.42 33.63
N TYR B 120 6.68 -11.81 32.57
CA TYR B 120 6.98 -10.42 32.27
C TYR B 120 5.72 -9.55 32.18
N ASP B 121 4.61 -10.03 32.73
CA ASP B 121 3.34 -9.31 32.67
C ASP B 121 3.03 -8.91 31.22
N GLY B 122 3.30 -9.83 30.30
CA GLY B 122 2.95 -9.64 28.91
C GLY B 122 3.82 -8.69 28.14
N HIS B 123 4.95 -8.26 28.70
CA HIS B 123 5.90 -7.43 27.97
C HIS B 123 6.87 -8.30 27.20
N LEU B 124 7.20 -7.90 25.99
CA LEU B 124 8.07 -8.71 25.14
C LEU B 124 9.52 -8.68 25.63
N PRO B 125 10.12 -9.83 25.95
CA PRO B 125 11.57 -9.87 26.27
C PRO B 125 12.46 -9.86 25.03
N ILE B 126 12.56 -8.66 24.45
CA ILE B 126 13.22 -8.38 23.19
C ILE B 126 14.08 -7.13 23.37
N GLU B 127 15.23 -7.10 22.72
CA GLU B 127 16.04 -5.88 22.67
C GLU B 127 16.28 -5.52 21.21
N ILE B 128 15.96 -4.27 20.86
CA ILE B 128 16.13 -3.76 19.52
C ILE B 128 17.09 -2.58 19.58
N LYS B 129 18.13 -2.64 18.76
CA LYS B 129 19.07 -1.54 18.58
C LYS B 129 18.92 -0.98 17.19
N ALA B 130 18.97 0.35 17.08
CA ALA B 130 18.68 0.97 15.80
C ALA B 130 19.51 2.22 15.58
N VAL B 131 19.74 2.52 14.30
CA VAL B 131 20.36 3.78 13.89
C VAL B 131 19.36 4.88 14.17
N PRO B 132 19.78 6.12 14.49
CA PRO B 132 18.79 7.16 14.78
C PRO B 132 17.90 7.47 13.58
N GLU B 133 16.62 7.71 13.87
CA GLU B 133 15.67 8.05 12.83
C GLU B 133 16.04 9.35 12.15
N GLY B 134 15.80 9.39 10.83
CA GLY B 134 16.25 10.49 9.99
C GLY B 134 17.63 10.28 9.40
N PHE B 135 18.42 9.35 9.96
CA PHE B 135 19.76 9.13 9.46
C PHE B 135 19.70 8.63 8.03
N VAL B 136 20.65 9.11 7.26
CA VAL B 136 20.78 8.81 5.83
C VAL B 136 21.99 7.91 5.68
N ILE B 137 21.72 6.65 5.32
CA ILE B 137 22.69 5.55 5.38
C ILE B 137 22.83 4.88 4.03
N PRO B 138 24.04 4.59 3.57
CA PRO B 138 24.20 3.89 2.30
C PRO B 138 23.62 2.49 2.36
N ARG B 139 23.23 2.01 1.18
CA ARG B 139 22.73 0.65 1.04
C ARG B 139 23.71 -0.37 1.61
N GLY B 140 23.16 -1.49 2.10
CA GLY B 140 23.99 -2.58 2.57
C GLY B 140 24.46 -2.50 4.01
N ASN B 141 23.88 -1.63 4.81
CA ASN B 141 24.31 -1.45 6.19
C ASN B 141 23.22 -1.90 7.14
N VAL B 142 23.64 -2.44 8.28
CA VAL B 142 22.71 -2.75 9.36
C VAL B 142 22.04 -1.48 9.80
N LEU B 143 20.70 -1.48 9.84
CA LEU B 143 19.89 -0.37 10.33
C LEU B 143 19.25 -0.66 11.68
N PHE B 144 18.84 -1.90 11.95
CA PHE B 144 18.45 -2.27 13.29
C PHE B 144 18.68 -3.76 13.48
N THR B 145 18.79 -4.15 14.75
CA THR B 145 18.97 -5.53 15.15
C THR B 145 17.95 -5.87 16.22
N VAL B 146 17.61 -7.16 16.30
CA VAL B 146 16.60 -7.69 17.21
C VAL B 146 17.12 -8.98 17.80
N GLU B 147 16.97 -9.14 19.13
CA GLU B 147 17.33 -10.39 19.78
C GLU B 147 16.48 -10.56 21.03
N ASN B 148 16.30 -11.82 21.44
CA ASN B 148 15.59 -12.11 22.66
C ASN B 148 16.51 -11.94 23.88
N THR B 149 15.92 -11.49 25.00
CA THR B 149 16.64 -11.29 26.26
C THR B 149 16.41 -12.40 27.26
N ASP B 150 15.56 -13.37 26.96
CA ASP B 150 15.31 -14.53 27.81
C ASP B 150 15.48 -15.77 26.94
N PRO B 151 16.25 -16.77 27.39
CA PRO B 151 16.49 -17.94 26.53
C PRO B 151 15.24 -18.71 26.16
N GLU B 152 14.21 -18.71 27.01
CA GLU B 152 12.96 -19.36 26.68
C GLU B 152 12.29 -18.74 25.45
N CYS B 153 12.59 -17.49 25.15
CA CYS B 153 11.93 -16.75 24.08
C CYS B 153 12.78 -16.62 22.82
N TYR B 154 13.67 -17.58 22.59
CA TYR B 154 14.46 -17.65 21.36
C TYR B 154 13.59 -17.55 20.11
N TRP B 155 12.35 -18.01 20.18
CA TRP B 155 11.42 -18.03 19.05
C TRP B 155 10.78 -16.67 18.81
N LEU B 156 10.93 -15.73 19.72
CA LEU B 156 10.20 -14.47 19.61
C LEU B 156 10.86 -13.51 18.64
N THR B 157 12.18 -13.61 18.48
CA THR B 157 12.90 -12.69 17.61
C THR B 157 12.28 -12.61 16.23
N ASN B 158 12.07 -13.76 15.60
CA ASN B 158 11.55 -13.75 14.24
C ASN B 158 10.05 -13.84 14.16
N TRP B 159 9.35 -14.05 15.28
CA TRP B 159 7.90 -13.86 15.31
C TRP B 159 7.54 -12.47 14.85
N ILE B 160 8.29 -11.46 15.30
CA ILE B 160 7.97 -10.07 15.03
C ILE B 160 8.72 -9.56 13.79
N GLU B 161 9.30 -10.45 12.98
CA GLU B 161 9.86 -10.00 11.71
C GLU B 161 8.80 -9.29 10.87
N THR B 162 7.63 -9.91 10.75
CA THR B 162 6.67 -9.44 9.77
C THR B 162 6.28 -8.00 10.07
N ILE B 163 5.98 -7.71 11.34
CA ILE B 163 5.59 -6.35 11.70
C ILE B 163 6.78 -5.41 11.54
N LEU B 164 7.98 -5.84 11.93
CA LEU B 164 9.10 -4.91 11.82
C LEU B 164 9.49 -4.63 10.37
N VAL B 165 9.32 -5.60 9.48
CA VAL B 165 9.77 -5.44 8.10
C VAL B 165 8.89 -4.43 7.37
N GLN B 166 7.68 -4.20 7.88
CA GLN B 166 6.82 -3.17 7.32
C GLN B 166 7.42 -1.78 7.46
N SER B 167 8.50 -1.65 8.22
CA SER B 167 9.24 -0.38 8.23
C SER B 167 9.79 -0.03 6.85
N TRP B 168 9.84 -1.02 5.95
CA TRP B 168 10.27 -0.75 4.57
C TRP B 168 9.47 0.39 3.97
N TYR B 169 8.22 0.53 4.37
CA TYR B 169 7.32 1.44 3.69
C TYR B 169 7.64 2.87 4.07
N PRO B 170 7.66 3.26 5.35
CA PRO B 170 8.12 4.64 5.66
C PRO B 170 9.56 4.91 5.25
N ILE B 171 10.47 3.94 5.33
CA ILE B 171 11.81 4.12 4.80
C ILE B 171 11.78 4.47 3.32
N THR B 172 11.02 3.70 2.52
CA THR B 172 11.05 3.88 1.06
C THR B 172 10.33 5.17 0.66
N VAL B 173 9.22 5.50 1.32
CA VAL B 173 8.55 6.76 1.00
C VAL B 173 9.51 7.91 1.29
N ALA B 174 10.13 7.88 2.47
CA ALA B 174 10.99 8.99 2.87
C ALA B 174 12.19 9.11 1.95
N THR B 175 12.81 7.99 1.63
CA THR B 175 13.93 7.98 0.69
C THR B 175 13.52 8.48 -0.70
N ASN B 176 12.43 7.95 -1.26
CA ASN B 176 12.04 8.35 -2.61
C ASN B 176 11.65 9.82 -2.64
N SER B 177 11.01 10.30 -1.57
CA SER B 177 10.66 11.71 -1.49
C SER B 177 11.93 12.56 -1.44
N ARG B 178 12.90 12.17 -0.61
CA ARG B 178 14.16 12.92 -0.51
C ARG B 178 14.93 12.91 -1.84
N GLU B 179 14.90 11.80 -2.56
CA GLU B 179 15.51 11.80 -3.89
C GLU B 179 14.83 12.81 -4.82
N GLN B 180 13.51 12.98 -4.71
CA GLN B 180 12.86 13.99 -5.54
C GLN B 180 13.24 15.39 -5.09
N LYS B 181 13.40 15.58 -3.78
CA LYS B 181 13.88 16.86 -3.30
C LYS B 181 15.26 17.21 -3.87
N LYS B 182 16.14 16.20 -4.03
CA LYS B 182 17.47 16.44 -4.61
C LYS B 182 17.35 16.98 -6.02
N ILE B 183 16.43 16.40 -6.81
CA ILE B 183 16.21 16.85 -8.20
C ILE B 183 15.71 18.29 -8.21
N LEU B 184 14.69 18.56 -7.40
CA LEU B 184 14.14 19.91 -7.33
C LEU B 184 15.19 20.88 -6.83
N ALA B 185 16.03 20.45 -5.88
CA ALA B 185 17.03 21.39 -5.36
C ALA B 185 18.04 21.76 -6.43
N LYS B 186 18.51 20.76 -7.18
CA LYS B 186 19.45 21.00 -8.28
C LYS B 186 18.90 22.01 -9.29
N TYR B 187 17.67 21.80 -9.76
CA TYR B 187 17.16 22.63 -10.84
C TYR B 187 16.67 23.99 -10.33
N LEU B 188 16.14 24.04 -9.11
CA LEU B 188 15.79 25.33 -8.52
C LEU B 188 17.04 26.18 -8.33
N LEU B 189 18.12 25.57 -7.82
CA LEU B 189 19.35 26.33 -7.61
C LEU B 189 19.97 26.75 -8.94
N GLU B 190 19.91 25.91 -9.96
CA GLU B 190 20.47 26.31 -11.26
CA GLU B 190 20.48 26.33 -11.24
C GLU B 190 19.66 27.44 -11.89
N THR B 191 18.33 27.39 -11.79
CA THR B 191 17.51 28.34 -12.54
C THR B 191 17.15 29.60 -11.77
N SER B 192 17.34 29.63 -10.44
CA SER B 192 16.98 30.78 -9.62
C SER B 192 18.12 31.27 -8.74
N GLY B 193 19.14 30.47 -8.47
CA GLY B 193 20.24 30.85 -7.61
C GLY B 193 20.02 30.65 -6.13
N ASN B 194 18.87 30.13 -5.72
CA ASN B 194 18.67 29.80 -4.32
C ASN B 194 17.69 28.65 -4.22
N LEU B 195 17.35 28.27 -2.98
CA LEU B 195 16.43 27.17 -2.71
C LEU B 195 15.13 27.65 -2.05
N ASP B 196 14.79 28.93 -2.23
CA ASP B 196 13.58 29.47 -1.66
C ASP B 196 12.37 28.66 -2.12
N GLY B 197 11.54 28.24 -1.18
CA GLY B 197 10.29 27.57 -1.48
C GLY B 197 10.43 26.08 -1.73
N LEU B 198 11.65 25.55 -1.65
CA LEU B 198 11.90 24.14 -1.94
C LEU B 198 10.96 23.21 -1.19
N GLU B 199 10.76 23.46 0.11
CA GLU B 199 9.97 22.54 0.95
C GLU B 199 8.50 22.51 0.59
N TYR B 200 8.02 23.37 -0.29
CA TYR B 200 6.64 23.33 -0.77
C TYR B 200 6.53 22.92 -2.23
N LYS B 201 7.58 22.38 -2.81
CA LYS B 201 7.62 22.11 -4.25
C LYS B 201 7.06 20.75 -4.62
N LEU B 202 6.87 19.86 -3.64
CA LEU B 202 6.33 18.50 -3.89
C LEU B 202 5.26 18.24 -2.84
N HIS B 203 4.02 18.37 -3.27
CA HIS B 203 2.83 18.31 -2.41
C HIS B 203 2.24 16.91 -2.48
N ASP B 204 1.88 16.37 -1.32
CA ASP B 204 1.32 15.02 -1.18
C ASP B 204 -0.16 15.07 -1.51
N PHE B 205 -0.51 14.44 -2.61
CA PHE B 205 -1.86 14.24 -3.11
C PHE B 205 -2.32 12.78 -2.98
N GLY B 206 -1.69 11.98 -2.14
CA GLY B 206 -1.85 10.52 -2.21
C GLY B 206 -2.88 9.87 -1.32
N TYR B 207 -3.72 10.65 -0.64
CA TYR B 207 -4.64 10.08 0.34
C TYR B 207 -5.57 9.06 -0.31
N ARG B 208 -6.17 9.39 -1.46
CA ARG B 208 -7.12 8.47 -2.09
C ARG B 208 -6.46 7.30 -2.79
N GLY B 209 -5.20 7.44 -3.20
CA GLY B 209 -4.47 6.49 -3.99
C GLY B 209 -3.67 5.47 -3.22
N VAL B 210 -3.67 5.52 -1.88
CA VAL B 210 -3.05 4.46 -1.08
C VAL B 210 -4.07 3.39 -0.69
N SER B 211 -3.59 2.31 -0.08
CA SER B 211 -4.40 1.12 0.15
C SER B 211 -5.20 1.13 1.45
N SER B 212 -5.00 2.09 2.34
CA SER B 212 -5.73 2.10 3.61
C SER B 212 -5.51 3.43 4.32
N GLN B 213 -6.34 3.67 5.33
CA GLN B 213 -6.17 4.84 6.19
C GLN B 213 -4.85 4.77 6.93
N GLU B 214 -4.50 3.59 7.46
CA GLU B 214 -3.24 3.50 8.20
C GLU B 214 -2.07 3.84 7.29
N THR B 215 -2.04 3.28 6.08
CA THR B 215 -0.97 3.59 5.13
C THR B 215 -0.91 5.09 4.83
N ALA B 216 -2.07 5.71 4.64
CA ALA B 216 -2.09 7.14 4.37
C ALA B 216 -1.29 7.91 5.43
N GLY B 217 -1.55 7.64 6.70
CA GLY B 217 -0.86 8.39 7.74
C GLY B 217 0.63 8.12 7.73
N ILE B 218 1.02 6.84 7.62
CA ILE B 218 2.44 6.49 7.71
C ILE B 218 3.16 7.11 6.53
N GLY B 219 2.56 7.00 5.36
CA GLY B 219 3.24 7.45 4.16
C GLY B 219 3.31 8.95 4.13
N ALA B 220 2.22 9.62 4.49
CA ALA B 220 2.28 11.08 4.48
C ALA B 220 3.30 11.57 5.50
N SER B 221 3.45 10.87 6.65
CA SER B 221 4.41 11.33 7.64
C SER B 221 5.82 11.22 7.08
N ALA B 222 6.05 10.17 6.28
CA ALA B 222 7.38 9.93 5.73
C ALA B 222 7.73 11.00 4.71
N HIS B 223 6.75 11.41 3.89
CA HIS B 223 6.97 12.52 2.98
C HIS B 223 7.30 13.83 3.73
N LEU B 224 6.66 14.06 4.88
CA LEU B 224 6.86 15.29 5.65
C LEU B 224 8.22 15.33 6.32
N VAL B 225 8.96 14.22 6.32
CA VAL B 225 10.37 14.30 6.67
C VAL B 225 11.12 15.27 5.78
N ASN B 226 10.74 15.38 4.49
CA ASN B 226 11.47 16.17 3.51
C ASN B 226 10.75 17.44 3.07
N PHE B 227 9.44 17.46 3.12
CA PHE B 227 8.64 18.58 2.62
C PHE B 227 7.59 18.98 3.66
N LYS B 228 6.92 20.15 3.40
CA LYS B 228 5.93 20.73 4.28
C LYS B 228 4.54 20.81 3.69
N GLY B 229 4.35 20.54 2.40
CA GLY B 229 3.04 20.63 1.79
C GLY B 229 2.36 19.29 1.65
N THR B 230 1.15 19.18 2.20
CA THR B 230 0.43 17.91 2.17
C THR B 230 -1.08 18.15 2.21
N ASP B 231 -1.81 17.35 1.42
CA ASP B 231 -3.26 17.20 1.54
C ASP B 231 -3.64 15.89 2.24
N THR B 232 -2.67 15.05 2.62
CA THR B 232 -2.98 13.80 3.33
C THR B 232 -3.00 14.10 4.82
N VAL B 233 -4.17 14.58 5.27
CA VAL B 233 -4.37 15.07 6.64
C VAL B 233 -3.93 14.02 7.68
N ALA B 234 -4.16 12.73 7.39
CA ALA B 234 -3.84 11.65 8.30
C ALA B 234 -2.40 11.68 8.81
N GLY B 235 -1.48 12.25 8.03
CA GLY B 235 -0.10 12.35 8.46
C GLY B 235 0.11 13.24 9.68
N LEU B 236 -0.74 14.26 9.85
CA LEU B 236 -0.51 15.22 10.93
C LEU B 236 -0.65 14.56 12.30
N ALA B 237 -1.73 13.79 12.49
CA ALA B 237 -1.98 13.23 13.81
C ALA B 237 -1.02 12.11 14.14
N LEU B 238 -0.54 11.38 13.12
CA LEU B 238 0.47 10.38 13.38
C LEU B 238 1.73 11.02 13.95
N ILE B 239 2.21 12.09 13.29
CA ILE B 239 3.42 12.78 13.76
C ILE B 239 3.20 13.31 15.18
N LYS B 240 2.06 13.97 15.42
CA LYS B 240 1.79 14.54 16.74
C LYS B 240 1.85 13.47 17.82
N LYS B 241 1.26 12.29 17.54
CA LYS B 241 1.13 11.26 18.56
C LYS B 241 2.42 10.50 18.80
N TYR B 242 3.18 10.21 17.75
CA TYR B 242 4.32 9.32 17.84
C TYR B 242 5.68 10.00 17.75
N TYR B 243 5.77 11.23 17.24
CA TYR B 243 7.07 11.87 17.07
C TYR B 243 7.17 13.26 17.69
N GLY B 244 6.22 14.14 17.39
CA GLY B 244 6.21 15.49 17.94
C GLY B 244 6.97 16.56 17.17
N THR B 245 6.36 17.74 17.08
CA THR B 245 7.00 18.92 16.50
C THR B 245 6.83 20.11 17.44
N LYS B 246 7.84 20.98 17.45
CA LYS B 246 7.70 22.26 18.14
C LYS B 246 6.56 23.09 17.54
N ASP B 247 6.47 23.10 16.23
CA ASP B 247 5.38 23.80 15.58
C ASP B 247 4.04 23.09 15.80
N PRO B 248 2.93 23.84 15.72
CA PRO B 248 1.60 23.21 15.91
C PRO B 248 1.33 22.05 14.97
N VAL B 249 1.64 22.20 13.68
CA VAL B 249 1.51 21.09 12.73
C VAL B 249 2.76 20.92 11.88
N PRO B 250 3.01 19.71 11.36
CA PRO B 250 4.19 19.52 10.50
C PRO B 250 3.98 19.83 9.04
N GLY B 251 2.75 20.03 8.59
CA GLY B 251 2.54 20.35 7.19
C GLY B 251 1.30 21.19 6.97
N TYR B 252 1.22 21.73 5.76
CA TYR B 252 0.33 22.82 5.44
C TYR B 252 -0.30 22.60 4.08
N SER B 253 -1.44 23.25 3.85
CA SER B 253 -2.08 23.23 2.54
C SER B 253 -2.73 24.58 2.26
N VAL B 254 -3.31 24.68 1.07
CA VAL B 254 -4.00 25.89 0.63
C VAL B 254 -5.34 25.46 0.05
N PRO B 255 -6.28 26.38 -0.02
CA PRO B 255 -7.54 26.10 -0.70
C PRO B 255 -7.30 25.75 -2.16
N ALA B 256 -8.11 24.83 -2.67
CA ALA B 256 -7.93 24.37 -4.04
C ALA B 256 -9.24 23.78 -4.53
N ALA B 257 -9.48 23.89 -5.83
CA ALA B 257 -10.65 23.33 -6.48
C ALA B 257 -10.43 21.87 -6.86
N GLU B 258 -11.52 21.18 -7.14
CA GLU B 258 -11.52 19.87 -7.76
C GLU B 258 -12.48 19.92 -8.94
N HIS B 259 -12.53 18.83 -9.71
CA HIS B 259 -13.41 18.90 -10.86
C HIS B 259 -14.87 19.08 -10.46
N SER B 260 -15.31 18.49 -9.34
CA SER B 260 -16.71 18.68 -8.94
C SER B 260 -17.05 20.15 -8.71
N THR B 261 -16.15 20.92 -8.12
CA THR B 261 -16.52 22.31 -7.83
C THR B 261 -16.43 23.23 -9.04
N ILE B 262 -15.77 22.81 -10.10
CA ILE B 262 -15.82 23.51 -11.38
C ILE B 262 -17.01 23.03 -12.22
N THR B 263 -17.12 21.71 -12.47
CA THR B 263 -18.13 21.23 -13.41
C THR B 263 -19.56 21.37 -12.88
N ALA B 264 -19.74 21.46 -11.57
CA ALA B 264 -21.08 21.61 -11.03
C ALA B 264 -21.78 22.87 -11.57
N TRP B 265 -21.00 23.86 -12.00
CA TRP B 265 -21.57 25.11 -12.55
C TRP B 265 -22.11 24.95 -13.96
N GLY B 266 -21.84 23.81 -14.60
CA GLY B 266 -22.20 23.60 -15.99
C GLY B 266 -21.09 23.99 -16.95
N LYS B 267 -21.03 23.26 -18.07
CA LYS B 267 -19.92 23.44 -19.00
C LYS B 267 -19.82 24.88 -19.49
N ASP B 268 -20.95 25.54 -19.72
CA ASP B 268 -20.91 26.91 -20.23
C ASP B 268 -20.58 27.94 -19.17
N HIS B 269 -20.39 27.55 -17.91
CA HIS B 269 -20.22 28.48 -16.81
C HIS B 269 -18.90 28.27 -16.08
N GLU B 270 -17.91 27.71 -16.79
CA GLU B 270 -16.60 27.52 -16.21
C GLU B 270 -16.02 28.86 -15.73
N LYS B 271 -16.19 29.93 -16.52
CA LYS B 271 -15.70 31.24 -16.10
C LYS B 271 -16.33 31.66 -14.78
N ASP B 272 -17.64 31.42 -14.61
CA ASP B 272 -18.31 31.80 -13.37
C ASP B 272 -17.76 31.03 -12.19
N ALA B 273 -17.50 29.74 -12.37
CA ALA B 273 -16.87 28.99 -11.30
C ALA B 273 -15.53 29.60 -10.92
N PHE B 274 -14.68 29.86 -11.92
CA PHE B 274 -13.36 30.40 -11.64
C PHE B 274 -13.48 31.72 -10.87
N GLU B 275 -14.36 32.61 -11.35
CA GLU B 275 -14.48 33.93 -10.73
C GLU B 275 -14.95 33.80 -9.27
N HIS B 276 -15.93 32.92 -9.03
CA HIS B 276 -16.42 32.70 -7.68
C HIS B 276 -15.31 32.19 -6.79
N ILE B 277 -14.56 31.22 -7.26
CA ILE B 277 -13.60 30.58 -6.38
C ILE B 277 -12.46 31.55 -6.02
N VAL B 278 -11.94 32.28 -7.01
CA VAL B 278 -10.81 33.17 -6.69
C VAL B 278 -11.28 34.36 -5.85
N THR B 279 -12.55 34.75 -6.00
CA THR B 279 -13.10 35.82 -5.16
C THR B 279 -13.39 35.33 -3.74
N GLN B 280 -13.77 34.06 -3.59
CA GLN B 280 -13.93 33.49 -2.25
C GLN B 280 -12.61 33.41 -1.52
N PHE B 281 -11.51 33.24 -2.24
CA PHE B 281 -10.20 33.05 -1.65
C PHE B 281 -9.29 34.14 -2.20
N SER B 282 -9.69 35.40 -1.97
CA SER B 282 -9.00 36.51 -2.59
C SER B 282 -7.68 36.85 -1.93
N SER B 283 -7.47 36.45 -0.67
CA SER B 283 -6.29 36.88 0.07
C SER B 283 -5.45 35.73 0.61
N VAL B 284 -5.69 34.50 0.19
CA VAL B 284 -4.75 33.40 0.41
C VAL B 284 -4.42 32.81 -0.95
N PRO B 285 -3.35 31.99 -1.05
CA PRO B 285 -3.12 31.28 -2.32
C PRO B 285 -4.33 30.42 -2.62
N VAL B 286 -4.65 30.28 -3.90
CA VAL B 286 -5.75 29.39 -4.30
C VAL B 286 -5.35 28.65 -5.56
N SER B 287 -5.48 27.33 -5.53
CA SER B 287 -5.22 26.50 -6.68
C SER B 287 -6.53 26.18 -7.37
N VAL B 288 -6.56 26.28 -8.69
CA VAL B 288 -7.80 26.08 -9.45
C VAL B 288 -7.52 25.17 -10.63
N VAL B 289 -8.02 23.93 -10.55
CA VAL B 289 -7.92 22.99 -11.65
C VAL B 289 -8.61 23.55 -12.88
N SER B 290 -7.91 23.54 -14.00
CA SER B 290 -8.31 24.30 -15.16
C SER B 290 -8.48 23.46 -16.42
N ASP B 291 -8.52 22.11 -16.32
CA ASP B 291 -8.56 21.25 -17.49
C ASP B 291 -9.89 20.53 -17.63
N SER B 292 -10.95 20.99 -16.93
CA SER B 292 -12.22 20.27 -17.03
C SER B 292 -12.64 20.04 -18.48
N TYR B 293 -12.45 21.04 -19.34
CA TYR B 293 -12.87 20.94 -20.73
C TYR B 293 -11.73 21.25 -21.69
N ASP B 294 -10.98 22.34 -21.45
CA ASP B 294 -9.91 22.70 -22.37
C ASP B 294 -8.93 23.59 -21.61
N ILE B 295 -7.86 22.97 -21.11
CA ILE B 295 -6.85 23.64 -20.30
C ILE B 295 -6.29 24.86 -21.01
N TYR B 296 -6.07 24.75 -22.33
CA TYR B 296 -5.37 25.81 -23.06
C TYR B 296 -6.29 27.01 -23.26
N ASN B 297 -7.58 26.74 -23.52
CA ASN B 297 -8.58 27.81 -23.57
C ASN B 297 -8.74 28.47 -22.22
N ALA B 298 -8.80 27.68 -21.14
CA ALA B 298 -8.90 28.26 -19.81
C ALA B 298 -7.72 29.19 -19.52
N CYS B 299 -6.51 28.77 -19.86
CA CYS B 299 -5.36 29.63 -19.60
C CYS B 299 -5.41 30.87 -20.49
N GLU B 300 -5.63 30.68 -21.79
CA GLU B 300 -5.43 31.79 -22.71
C GLU B 300 -6.61 32.75 -22.70
N LYS B 301 -7.84 32.25 -22.68
CA LYS B 301 -9.00 33.12 -22.78
C LYS B 301 -9.69 33.41 -21.45
N ILE B 302 -9.89 32.42 -20.58
CA ILE B 302 -10.62 32.68 -19.33
C ILE B 302 -9.71 33.38 -18.33
N TRP B 303 -8.61 32.74 -17.95
CA TRP B 303 -7.67 33.42 -17.06
C TRP B 303 -6.96 34.57 -17.75
N GLY B 304 -6.55 34.36 -19.00
CA GLY B 304 -5.68 35.30 -19.68
C GLY B 304 -6.37 36.53 -20.24
N GLU B 305 -7.70 36.51 -20.28
CA GLU B 305 -8.47 37.61 -20.84
C GLU B 305 -9.68 37.95 -19.98
N ASP B 306 -10.64 37.01 -19.87
CA ASP B 306 -11.90 37.31 -19.19
C ASP B 306 -11.72 37.67 -17.73
N LEU B 307 -10.83 36.96 -17.01
CA LEU B 307 -10.69 37.13 -15.57
C LEU B 307 -9.33 37.71 -15.22
N ARG B 308 -8.58 38.18 -16.21
CA ARG B 308 -7.21 38.63 -15.96
C ARG B 308 -7.18 39.73 -14.90
N HIS B 309 -8.22 40.58 -14.84
CA HIS B 309 -8.25 41.69 -13.89
C HIS B 309 -8.37 41.21 -12.45
N LEU B 310 -8.83 39.98 -12.22
CA LEU B 310 -8.92 39.40 -10.89
C LEU B 310 -7.63 38.69 -10.48
N ILE B 311 -6.73 38.47 -11.43
CA ILE B 311 -5.45 37.82 -11.18
C ILE B 311 -4.36 38.86 -10.93
N VAL B 312 -4.24 39.86 -11.80
CA VAL B 312 -3.13 40.82 -11.66
C VAL B 312 -3.29 41.70 -10.44
N SER B 313 -4.44 41.69 -9.81
CA SER B 313 -4.66 42.44 -8.58
C SER B 313 -4.24 41.67 -7.33
N ARG B 314 -3.88 40.40 -7.45
CA ARG B 314 -3.60 39.58 -6.30
C ARG B 314 -2.21 39.81 -5.72
N SER B 315 -2.10 39.48 -4.44
CA SER B 315 -0.88 39.67 -3.67
C SER B 315 0.11 38.54 -3.86
N THR B 316 1.39 38.90 -3.68
CA THR B 316 2.47 37.93 -3.80
C THR B 316 2.33 36.79 -2.80
N GLN B 317 1.68 37.02 -1.67
CA GLN B 317 1.43 35.94 -0.71
C GLN B 317 0.15 35.16 -1.03
N ALA B 318 -0.57 35.52 -2.09
CA ALA B 318 -1.88 34.93 -2.38
C ALA B 318 -2.02 34.73 -3.89
N PRO B 319 -1.07 34.06 -4.53
CA PRO B 319 -1.16 33.87 -5.98
C PRO B 319 -2.33 32.97 -6.34
N LEU B 320 -2.77 33.13 -7.59
CA LEU B 320 -3.48 32.09 -8.32
C LEU B 320 -2.49 31.02 -8.74
N ILE B 321 -2.80 29.77 -8.42
CA ILE B 321 -2.02 28.63 -8.85
C ILE B 321 -2.88 27.87 -9.85
N ILE B 322 -2.51 27.90 -11.12
CA ILE B 322 -3.26 27.21 -12.16
C ILE B 322 -2.84 25.73 -12.14
N ARG B 323 -3.82 24.82 -12.14
CA ARG B 323 -3.51 23.39 -12.09
C ARG B 323 -4.02 22.63 -13.31
N PRO B 324 -3.15 22.29 -14.25
CA PRO B 324 -3.51 21.28 -15.24
C PRO B 324 -3.56 19.92 -14.57
N ASP B 325 -4.33 19.00 -15.18
CA ASP B 325 -4.49 17.68 -14.57
C ASP B 325 -4.63 16.58 -15.62
N SER B 326 -4.12 16.78 -16.83
CA SER B 326 -4.30 15.77 -17.87
C SER B 326 -3.38 16.08 -19.04
N GLY B 327 -3.19 15.07 -19.91
CA GLY B 327 -2.31 15.20 -21.05
C GLY B 327 -0.90 14.79 -20.70
N ASN B 328 -0.01 14.88 -21.69
CA ASN B 328 1.38 14.59 -21.45
C ASN B 328 1.91 15.58 -20.42
N PRO B 329 2.46 15.13 -19.28
CA PRO B 329 2.84 16.10 -18.24
C PRO B 329 3.80 17.18 -18.69
N LEU B 330 4.89 16.82 -19.37
CA LEU B 330 5.86 17.83 -19.79
C LEU B 330 5.26 18.75 -20.86
N ASP B 331 4.63 18.15 -21.89
CA ASP B 331 4.10 18.95 -22.99
C ASP B 331 3.08 19.94 -22.48
N THR B 332 2.22 19.49 -21.55
CA THR B 332 1.19 20.36 -21.03
C THR B 332 1.78 21.49 -20.21
N VAL B 333 2.76 21.18 -19.36
CA VAL B 333 3.37 22.25 -18.55
C VAL B 333 4.00 23.29 -19.45
N LEU B 334 4.71 22.86 -20.50
CA LEU B 334 5.41 23.79 -21.36
C LEU B 334 4.41 24.64 -22.15
N LYS B 335 3.32 24.04 -22.61
CA LYS B 335 2.35 24.83 -23.36
C LYS B 335 1.58 25.79 -22.44
N VAL B 336 1.24 25.36 -21.23
CA VAL B 336 0.60 26.25 -20.26
C VAL B 336 1.50 27.46 -19.98
N LEU B 337 2.79 27.21 -19.74
CA LEU B 337 3.71 28.33 -19.48
C LEU B 337 3.82 29.26 -20.67
N GLU B 338 3.91 28.70 -21.88
CA GLU B 338 4.02 29.54 -23.07
C GLU B 338 2.77 30.41 -23.22
N ILE B 339 1.61 29.82 -23.03
CA ILE B 339 0.37 30.61 -23.05
C ILE B 339 0.44 31.73 -22.02
N LEU B 340 0.77 31.39 -20.78
CA LEU B 340 0.68 32.38 -19.71
C LEU B 340 1.71 33.46 -19.91
N GLY B 341 2.86 33.12 -20.49
CA GLY B 341 3.91 34.09 -20.72
C GLY B 341 3.56 35.08 -21.80
N LYS B 342 2.56 34.79 -22.63
CA LYS B 342 2.09 35.73 -23.64
C LYS B 342 0.92 36.57 -23.16
N LYS B 343 0.27 36.19 -22.07
CA LYS B 343 -0.84 36.96 -21.54
C LYS B 343 -0.49 37.75 -20.29
N PHE B 344 0.64 37.46 -19.65
CA PHE B 344 1.03 38.08 -18.39
C PHE B 344 2.47 38.55 -18.49
N PRO B 345 2.86 39.54 -17.69
CA PRO B 345 4.21 40.11 -17.86
C PRO B 345 5.28 39.17 -17.31
N VAL B 346 6.14 38.70 -18.18
CA VAL B 346 7.23 37.83 -17.75
C VAL B 346 8.47 38.67 -17.52
N THR B 347 9.22 38.33 -16.48
CA THR B 347 10.54 38.90 -16.27
C THR B 347 11.61 37.86 -16.55
N GLU B 348 12.86 38.33 -16.53
CA GLU B 348 14.01 37.44 -16.60
C GLU B 348 14.76 37.60 -15.30
N ASN B 349 14.90 36.51 -14.54
CA ASN B 349 15.61 36.61 -13.27
C ASN B 349 17.12 36.68 -13.48
N SER B 350 17.86 36.71 -12.37
CA SER B 350 19.28 37.01 -12.48
C SER B 350 20.07 35.87 -13.10
N LYS B 351 19.47 34.70 -13.25
CA LYS B 351 20.12 33.58 -13.90
C LYS B 351 19.75 33.47 -15.36
N GLY B 352 18.91 34.35 -15.86
CA GLY B 352 18.50 34.31 -17.25
C GLY B 352 17.28 33.46 -17.48
N TYR B 353 16.52 33.11 -16.45
CA TYR B 353 15.35 32.28 -16.64
C TYR B 353 14.08 33.10 -16.48
N LYS B 354 13.09 32.72 -17.27
CA LYS B 354 11.82 33.41 -17.34
C LYS B 354 10.98 33.12 -16.11
N LEU B 355 10.27 34.16 -15.65
CA LEU B 355 9.58 34.12 -14.38
C LEU B 355 8.25 34.83 -14.52
N LEU B 356 7.15 34.11 -14.23
CA LEU B 356 5.82 34.70 -14.22
C LEU B 356 5.74 35.75 -13.12
N PRO B 357 4.80 36.67 -13.22
CA PRO B 357 4.55 37.60 -12.09
C PRO B 357 4.25 36.85 -10.81
N PRO B 358 4.48 37.46 -9.65
CA PRO B 358 4.40 36.72 -8.39
C PRO B 358 2.99 36.34 -7.99
N TYR B 359 1.98 36.89 -8.63
CA TYR B 359 0.58 36.58 -8.37
C TYR B 359 0.11 35.38 -9.17
N LEU B 360 1.01 34.71 -9.90
CA LEU B 360 0.60 33.64 -10.80
C LEU B 360 1.63 32.51 -10.77
N ARG B 361 1.16 31.30 -10.46
CA ARG B 361 2.00 30.12 -10.44
C ARG B 361 1.22 28.95 -11.05
N VAL B 362 1.92 27.82 -11.21
CA VAL B 362 1.39 26.60 -11.81
C VAL B 362 1.72 25.45 -10.90
N ILE B 363 0.80 24.50 -10.78
CA ILE B 363 1.09 23.26 -10.09
C ILE B 363 0.70 22.12 -11.01
N GLN B 364 1.63 21.22 -11.26
CA GLN B 364 1.37 20.03 -12.06
C GLN B 364 1.14 18.90 -11.08
N GLY B 365 -0.11 18.45 -10.99
CA GLY B 365 -0.52 17.42 -10.07
C GLY B 365 -0.99 16.12 -10.69
N ASP B 366 -0.69 15.88 -11.96
CA ASP B 366 -1.06 14.65 -12.65
C ASP B 366 0.17 13.98 -13.21
N GLY B 367 0.24 12.66 -13.05
CA GLY B 367 1.32 11.89 -13.65
C GLY B 367 2.70 12.12 -13.11
N VAL B 368 2.84 12.64 -11.88
CA VAL B 368 4.17 12.96 -11.34
C VAL B 368 4.71 11.79 -10.54
N ASP B 369 5.87 11.31 -10.95
CA ASP B 369 6.68 10.43 -10.11
C ASP B 369 8.14 10.86 -10.27
N ILE B 370 9.08 10.11 -9.69
CA ILE B 370 10.43 10.63 -9.68
C ILE B 370 10.97 10.74 -11.11
N ASN B 371 10.49 9.91 -12.02
CA ASN B 371 11.00 9.95 -13.39
C ASN B 371 10.43 11.13 -14.15
N THR B 372 9.12 11.33 -14.11
CA THR B 372 8.54 12.43 -14.87
C THR B 372 8.89 13.77 -14.23
N LEU B 373 9.07 13.79 -12.91
CA LEU B 373 9.53 15.01 -12.23
C LEU B 373 10.81 15.52 -12.86
N GLN B 374 11.81 14.65 -12.97
CA GLN B 374 13.06 14.95 -13.64
C GLN B 374 12.86 15.41 -15.08
N GLU B 375 11.97 14.72 -15.82
CA GLU B 375 11.73 15.10 -17.22
C GLU B 375 11.16 16.51 -17.33
N ILE B 376 10.26 16.87 -16.41
CA ILE B 376 9.60 18.16 -16.49
C ILE B 376 10.59 19.28 -16.17
N VAL B 377 11.36 19.12 -15.10
CA VAL B 377 12.20 20.25 -14.72
C VAL B 377 13.34 20.42 -15.73
N GLU B 378 13.86 19.31 -16.29
CA GLU B 378 14.84 19.43 -17.36
C GLU B 378 14.25 20.08 -18.60
N GLY B 379 13.01 19.73 -18.94
CA GLY B 379 12.38 20.35 -20.10
C GLY B 379 12.09 21.82 -19.90
N MET B 380 11.65 22.18 -18.68
CA MET B 380 11.49 23.61 -18.35
C MET B 380 12.83 24.33 -18.47
N LYS B 381 13.89 23.76 -17.91
CA LYS B 381 15.21 24.40 -18.02
C LYS B 381 15.60 24.63 -19.47
N GLN B 382 15.36 23.63 -20.33
CA GLN B 382 15.76 23.75 -21.74
C GLN B 382 14.95 24.83 -22.46
N LYS B 383 13.74 25.12 -22.02
CA LYS B 383 12.95 26.20 -22.57
C LYS B 383 13.11 27.50 -21.78
N MET B 384 14.12 27.59 -20.91
CA MET B 384 14.46 28.81 -20.16
C MET B 384 13.38 29.28 -19.19
N TRP B 385 12.62 28.35 -18.60
CA TRP B 385 11.66 28.63 -17.54
C TRP B 385 12.26 28.29 -16.19
N SER B 386 12.11 29.22 -15.24
CA SER B 386 12.61 28.98 -13.89
C SER B 386 11.73 27.96 -13.17
N ILE B 387 12.35 27.12 -12.35
CA ILE B 387 11.58 26.21 -11.51
C ILE B 387 10.84 26.96 -10.43
N GLU B 388 11.15 28.26 -10.24
CA GLU B 388 10.31 29.09 -9.39
C GLU B 388 8.85 29.05 -9.79
N ASN B 389 8.58 28.89 -11.10
CA ASN B 389 7.24 29.01 -11.63
C ASN B 389 6.32 27.87 -11.24
N ILE B 390 6.86 26.72 -10.83
CA ILE B 390 6.10 25.48 -10.78
C ILE B 390 6.23 24.83 -9.42
N ALA B 391 5.20 24.09 -9.03
CA ALA B 391 5.27 23.13 -7.94
C ALA B 391 4.65 21.86 -8.48
N PHE B 392 4.83 20.77 -7.76
CA PHE B 392 4.31 19.47 -8.18
C PHE B 392 3.42 18.87 -7.10
N GLY B 393 2.38 18.18 -7.52
CA GLY B 393 1.61 17.31 -6.65
C GLY B 393 1.76 15.88 -7.12
N SER B 394 1.86 14.97 -6.16
CA SER B 394 2.07 13.57 -6.51
C SER B 394 1.29 12.75 -5.52
N GLY B 395 0.54 11.75 -6.02
CA GLY B 395 -0.27 10.95 -5.15
C GLY B 395 0.16 9.49 -5.12
N GLY B 396 -0.39 8.69 -6.04
CA GLY B 396 0.04 7.31 -6.11
C GLY B 396 1.53 7.17 -6.33
N GLY B 397 2.11 8.06 -7.14
CA GLY B 397 3.53 7.96 -7.41
C GLY B 397 4.37 8.20 -6.17
N LEU B 398 3.86 9.02 -5.26
CA LEU B 398 4.57 9.36 -4.04
C LEU B 398 4.36 8.35 -2.92
N LEU B 399 3.14 7.81 -2.76
CA LEU B 399 2.79 7.01 -1.58
C LEU B 399 2.43 5.58 -1.86
N GLN B 400 2.04 5.22 -3.10
CA GLN B 400 1.58 3.86 -3.35
C GLN B 400 2.44 3.04 -4.29
N LYS B 401 3.00 3.65 -5.33
CA LYS B 401 3.76 2.93 -6.36
C LYS B 401 5.20 2.69 -5.90
N LEU B 402 5.29 1.90 -4.83
CA LEU B 402 6.52 1.56 -4.14
C LEU B 402 6.40 0.18 -3.56
N THR B 403 7.51 -0.57 -3.56
CA THR B 403 7.51 -1.91 -3.02
C THR B 403 8.77 -2.15 -2.19
N ARG B 404 8.75 -3.26 -1.47
CA ARG B 404 9.87 -3.62 -0.60
C ARG B 404 11.14 -3.93 -1.39
N ASP B 405 11.03 -4.21 -2.68
CA ASP B 405 12.19 -4.55 -3.47
C ASP B 405 12.87 -3.35 -4.09
N LEU B 406 12.35 -2.13 -3.91
CA LEU B 406 13.03 -0.98 -4.46
C LEU B 406 14.35 -0.76 -3.75
N LEU B 407 14.36 -0.88 -2.42
CA LEU B 407 15.57 -0.80 -1.60
C LEU B 407 15.98 -2.15 -1.03
N ASN B 408 15.30 -3.22 -1.43
CA ASN B 408 15.61 -4.57 -0.95
C ASN B 408 15.69 -4.62 0.56
N CYS B 409 14.63 -4.11 1.19
CA CYS B 409 14.49 -4.14 2.65
C CYS B 409 14.29 -5.56 3.12
N SER B 410 15.10 -5.98 4.09
CA SER B 410 15.15 -7.39 4.39
C SER B 410 15.60 -7.65 5.84
N PHE B 411 15.11 -8.75 6.40
CA PHE B 411 15.32 -9.10 7.80
C PHE B 411 15.80 -10.53 7.85
N LYS B 412 16.96 -10.75 8.47
CA LYS B 412 17.57 -12.08 8.46
C LYS B 412 18.24 -12.37 9.79
N CYS B 413 18.21 -13.65 10.19
CA CYS B 413 18.99 -14.13 11.31
C CYS B 413 20.46 -14.21 10.92
N SER B 414 21.36 -13.58 11.75
CA SER B 414 22.80 -13.64 11.54
C SER B 414 23.58 -14.31 12.67
N TYR B 415 22.96 -14.59 13.81
CA TYR B 415 23.68 -15.18 14.94
C TYR B 415 22.71 -15.95 15.82
N VAL B 416 23.12 -17.13 16.28
CA VAL B 416 22.36 -17.88 17.26
C VAL B 416 23.33 -18.45 18.29
N VAL B 417 22.80 -18.73 19.47
CA VAL B 417 23.50 -19.51 20.49
C VAL B 417 22.72 -20.80 20.68
N THR B 418 23.42 -21.92 20.58
CA THR B 418 22.85 -23.25 20.73
C THR B 418 23.84 -24.10 21.53
N ASN B 419 23.36 -24.74 22.58
CA ASN B 419 24.22 -25.47 23.52
C ASN B 419 25.32 -24.56 24.05
N GLY B 420 24.97 -23.30 24.29
CA GLY B 420 25.87 -22.34 24.88
C GLY B 420 26.93 -21.79 23.96
N LEU B 421 26.95 -22.19 22.69
CA LEU B 421 27.95 -21.71 21.74
C LEU B 421 27.29 -20.84 20.68
N GLY B 422 27.81 -19.63 20.51
CA GLY B 422 27.34 -18.76 19.45
C GLY B 422 27.90 -19.21 18.12
N ILE B 423 27.05 -19.17 17.09
CA ILE B 423 27.49 -19.47 15.72
C ILE B 423 27.00 -18.37 14.79
N ASN B 424 27.82 -18.02 13.82
CA ASN B 424 27.49 -17.00 12.83
C ASN B 424 26.77 -17.67 11.68
N VAL B 425 25.61 -17.16 11.33
CA VAL B 425 24.77 -17.83 10.34
C VAL B 425 24.31 -16.83 9.30
N PHE B 426 23.89 -17.38 8.17
CA PHE B 426 23.75 -16.60 6.95
C PHE B 426 23.13 -17.50 5.88
N LYS B 427 22.55 -16.85 4.88
CA LYS B 427 22.16 -17.51 3.65
C LYS B 427 23.04 -17.02 2.52
N ASP B 428 23.20 -17.86 1.50
CA ASP B 428 24.08 -17.56 0.38
C ASP B 428 23.61 -18.34 -0.85
N PRO B 429 22.47 -17.98 -1.41
CA PRO B 429 21.88 -18.80 -2.48
C PRO B 429 22.76 -18.81 -3.72
N VAL B 430 22.93 -20.00 -4.30
CA VAL B 430 23.89 -20.16 -5.39
C VAL B 430 23.53 -19.29 -6.60
N ALA B 431 22.26 -19.14 -6.88
CA ALA B 431 21.82 -18.46 -8.10
C ALA B 431 21.67 -16.96 -7.94
N ASP B 432 21.86 -16.40 -6.74
CA ASP B 432 21.67 -14.97 -6.56
C ASP B 432 22.55 -14.51 -5.43
N PRO B 433 23.81 -14.18 -5.72
CA PRO B 433 24.70 -13.60 -4.71
C PRO B 433 24.17 -12.32 -4.04
N ASN B 434 23.19 -11.65 -4.65
CA ASN B 434 22.61 -10.45 -4.06
C ASN B 434 21.80 -10.77 -2.81
N LYS B 435 21.34 -12.01 -2.66
CA LYS B 435 20.58 -12.36 -1.48
C LYS B 435 21.45 -12.92 -0.37
N ARG B 436 22.76 -12.92 -0.57
CA ARG B 436 23.69 -13.27 0.49
C ARG B 436 23.49 -12.34 1.68
N SER B 437 23.40 -12.90 2.88
CA SER B 437 23.18 -12.14 4.10
C SER B 437 24.44 -12.09 4.96
N LYS B 438 24.43 -11.15 5.93
CA LYS B 438 25.58 -10.86 6.80
C LYS B 438 25.70 -11.90 7.92
N LYS B 439 26.92 -12.10 8.41
CA LYS B 439 27.22 -13.14 9.39
C LYS B 439 27.53 -12.56 10.76
N GLY B 440 26.90 -13.13 11.78
CA GLY B 440 27.27 -12.91 13.16
C GLY B 440 26.70 -11.63 13.74
N ARG B 441 27.29 -11.25 14.87
CA ARG B 441 26.87 -10.04 15.58
C ARG B 441 27.36 -8.81 14.82
N LEU B 442 26.47 -7.84 14.64
CA LEU B 442 26.71 -6.73 13.74
C LEU B 442 26.81 -5.42 14.51
N SER B 443 27.56 -4.47 13.93
CA SER B 443 27.64 -3.11 14.44
C SER B 443 27.91 -2.14 13.31
N LEU B 444 27.52 -0.88 13.54
CA LEU B 444 27.56 0.17 12.54
C LEU B 444 28.56 1.22 13.00
N HIS B 445 29.51 1.57 12.13
CA HIS B 445 30.61 2.44 12.53
C HIS B 445 30.88 3.51 11.49
N ARG B 446 31.53 4.58 11.94
CA ARG B 446 32.12 5.57 11.05
C ARG B 446 33.48 5.08 10.61
N THR B 447 33.78 5.26 9.32
CA THR B 447 35.11 4.94 8.82
C THR B 447 36.06 6.12 9.05
N PRO B 448 37.36 5.91 8.96
CA PRO B 448 38.29 7.04 9.11
C PRO B 448 37.96 8.22 8.21
N ALA B 449 37.43 7.99 7.01
CA ALA B 449 37.01 9.07 6.14
C ALA B 449 35.60 9.57 6.42
N GLY B 450 34.94 9.05 7.44
CA GLY B 450 33.64 9.56 7.81
C GLY B 450 32.48 8.94 7.08
N ASN B 451 32.69 7.81 6.41
CA ASN B 451 31.60 7.07 5.78
C ASN B 451 31.11 6.02 6.77
N PHE B 452 30.24 5.13 6.32
CA PHE B 452 29.67 4.10 7.18
C PHE B 452 30.22 2.74 6.77
N VAL B 453 30.36 1.85 7.77
CA VAL B 453 30.72 0.47 7.55
C VAL B 453 29.98 -0.38 8.56
N THR B 454 29.49 -1.55 8.12
CA THR B 454 28.91 -2.51 9.02
C THR B 454 29.93 -3.60 9.29
N LEU B 455 30.25 -3.80 10.56
CA LEU B 455 31.21 -4.83 10.93
C LEU B 455 30.43 -6.09 11.31
N GLU B 456 30.92 -7.22 10.81
CA GLU B 456 30.31 -8.52 10.98
C GLU B 456 31.12 -9.37 11.95
N GLU B 457 30.52 -10.50 12.36
CA GLU B 457 31.22 -11.52 13.14
C GLU B 457 31.72 -10.97 14.48
N GLY B 458 31.02 -9.97 15.01
CA GLY B 458 31.36 -9.39 16.30
C GLY B 458 32.61 -8.55 16.29
N LYS B 459 33.17 -8.28 15.11
CA LYS B 459 34.44 -7.56 14.99
C LYS B 459 34.38 -6.15 15.56
N GLY B 460 33.18 -5.57 15.68
CA GLY B 460 33.08 -4.29 16.38
C GLY B 460 33.64 -4.34 17.79
N ASP B 461 33.66 -5.52 18.41
CA ASP B 461 34.20 -5.63 19.76
C ASP B 461 35.69 -5.30 19.81
N LEU B 462 36.38 -5.36 18.67
CA LEU B 462 37.80 -5.04 18.63
C LEU B 462 38.06 -3.55 18.81
N GLU B 463 37.05 -2.70 18.64
CA GLU B 463 37.17 -1.26 18.86
C GLU B 463 38.16 -0.61 17.89
N GLU B 464 38.35 -1.20 16.71
CA GLU B 464 39.21 -0.59 15.71
C GLU B 464 38.52 0.54 14.98
N TYR B 465 37.20 0.61 15.08
CA TYR B 465 36.38 1.55 14.33
C TYR B 465 35.53 2.40 15.27
N GLY B 466 35.98 2.57 16.51
CA GLY B 466 35.20 3.37 17.42
C GLY B 466 33.90 2.69 17.85
N GLN B 467 32.99 3.52 18.32
CA GLN B 467 31.79 3.03 18.97
C GLN B 467 30.68 2.74 17.96
N ASP B 468 29.87 1.74 18.29
CA ASP B 468 28.69 1.38 17.51
C ASP B 468 27.72 2.55 17.45
N LEU B 469 27.24 2.87 16.23
CA LEU B 469 26.25 3.94 16.04
C LEU B 469 24.83 3.49 16.33
N LEU B 470 24.55 2.19 16.47
CA LEU B 470 23.23 1.78 16.89
C LEU B 470 23.04 2.00 18.39
N HIS B 471 21.80 2.33 18.74
CA HIS B 471 21.34 2.61 20.10
C HIS B 471 20.20 1.67 20.44
N THR B 472 20.17 1.18 21.67
CA THR B 472 19.01 0.42 22.13
C THR B 472 17.79 1.34 22.16
N VAL B 473 16.77 0.98 21.39
CA VAL B 473 15.55 1.76 21.32
C VAL B 473 14.37 1.05 21.98
N PHE B 474 14.45 -0.26 22.19
CA PHE B 474 13.40 -1.04 22.82
C PHE B 474 14.07 -2.11 23.65
N LYS B 475 13.60 -2.30 24.87
CA LYS B 475 14.09 -3.38 25.71
C LYS B 475 12.99 -3.78 26.68
N ASN B 476 12.62 -5.05 26.64
CA ASN B 476 11.74 -5.68 27.61
C ASN B 476 10.44 -4.88 27.78
N GLY B 477 9.84 -4.54 26.65
CA GLY B 477 8.54 -3.91 26.61
C GLY B 477 8.53 -2.40 26.70
N LYS B 478 9.70 -1.77 26.79
CA LYS B 478 9.80 -0.32 26.95
C LYS B 478 10.56 0.30 25.79
N VAL B 479 10.10 1.46 25.35
CA VAL B 479 10.88 2.25 24.43
C VAL B 479 11.92 3.00 25.24
N THR B 480 13.18 2.86 24.85
CA THR B 480 14.28 3.34 25.67
C THR B 480 15.01 4.54 25.07
N LYS B 481 14.68 4.91 23.85
CA LYS B 481 15.29 6.05 23.18
C LYS B 481 14.40 6.44 22.01
N SER B 482 14.25 7.73 21.79
CA SER B 482 13.23 8.20 20.86
C SER B 482 13.67 9.54 20.28
N TYR B 483 13.00 9.95 19.20
CA TYR B 483 13.42 11.13 18.44
C TYR B 483 12.20 11.97 18.12
N SER B 484 12.37 13.28 18.18
CA SER B 484 11.29 14.13 17.73
C SER B 484 11.28 14.17 16.20
N PHE B 485 10.13 14.55 15.66
CA PHE B 485 10.08 14.77 14.21
C PHE B 485 11.02 15.88 13.80
N ASP B 486 11.25 16.85 14.68
CA ASP B 486 12.17 17.92 14.34
C ASP B 486 13.60 17.38 14.20
N GLU B 487 14.01 16.49 15.10
CA GLU B 487 15.35 15.90 15.00
C GLU B 487 15.48 15.06 13.73
N ILE B 488 14.44 14.28 13.42
CA ILE B 488 14.44 13.46 12.23
C ILE B 488 14.62 14.31 10.98
N ARG B 489 13.89 15.43 10.88
CA ARG B 489 14.04 16.29 9.72
C ARG B 489 15.48 16.80 9.62
N LYS B 490 16.06 17.20 10.74
N LYS B 490 16.08 17.20 10.74
CA LYS B 490 17.45 17.66 10.72
CA LYS B 490 17.46 17.68 10.69
C LYS B 490 18.38 16.58 10.20
C LYS B 490 18.39 16.58 10.21
N ASN B 491 18.22 15.36 10.71
CA ASN B 491 19.09 14.28 10.27
C ASN B 491 18.96 13.99 8.78
N ALA B 492 17.78 14.23 8.20
CA ALA B 492 17.51 13.87 6.83
C ALA B 492 17.78 15.01 5.83
N GLN B 493 18.39 16.10 6.29
CA GLN B 493 18.63 17.23 5.42
C GLN B 493 19.53 16.87 4.24
N LEU B 494 19.36 17.61 3.15
CA LEU B 494 20.25 17.49 2.03
C LEU B 494 21.57 18.16 2.36
N ASN B 495 22.65 17.71 1.74
CA ASN B 495 23.96 18.32 1.95
C ASN B 495 23.90 19.81 1.60
N ILE B 496 23.67 20.12 0.32
CA ILE B 496 23.61 21.49 -0.17
C ILE B 496 24.59 22.41 0.58
C1 GOL C . -21.82 -11.28 -11.05
O1 GOL C . -20.68 -11.91 -10.61
C2 GOL C . -23.02 -12.21 -10.64
O2 GOL C . -22.58 -13.35 -9.97
C3 GOL C . -23.79 -12.55 -11.91
O3 GOL C . -23.58 -11.46 -12.79
H11 GOL C . -21.83 -11.14 -12.00
H12 GOL C . -21.94 -10.40 -10.64
H2 GOL C . -23.59 -11.71 -10.02
HO2 GOL C . -21.73 -13.32 -9.94
H31 GOL C . -24.72 -12.69 -11.68
H32 GOL C . -23.47 -13.40 -12.25
HO3 GOL C . -23.16 -11.76 -13.47
P NCN D . 7.74 -10.79 -1.77
O1P NCN D . 6.84 -11.68 -2.55
O2P NCN D . 7.08 -9.69 -0.95
O3P NCN D . 8.73 -10.19 -2.74
O5' NCN D . 8.69 -11.61 -0.77
C5' NCN D . 8.21 -12.24 0.42
C4' NCN D . 9.12 -13.39 0.81
O4' NCN D . 8.62 -14.01 2.05
C3' NCN D . 9.22 -14.51 -0.22
O3' NCN D . 10.54 -15.02 -0.25
C2' NCN D . 8.28 -15.57 0.33
O2' NCN D . 8.56 -16.89 -0.10
C1' NCN D . 8.48 -15.41 1.84
N1 NCN D . 7.34 -15.90 2.65
C6 NCN D . 6.47 -15.01 3.19
C5 NCN D . 5.39 -15.44 3.95
C4 NCN D . 5.14 -16.79 4.09
C3 NCN D . 6.00 -17.67 3.51
C2 NCN D . 7.11 -17.24 2.77
C7 NCN D . 5.84 -19.22 3.61
O7 NCN D . 6.71 -19.89 2.96
O8 NCN D . 4.88 -19.78 4.27
H5'1 NCN D . 8.19 -11.59 1.14
H5'2 NCN D . 7.32 -12.57 0.26
H4' NCN D . 9.99 -13.04 1.01
H3' NCN D . 8.94 -14.21 -1.10
HO'3 NCN D . 10.83 -15.00 -1.06
H2' NCN D . 7.37 -15.34 0.10
HO'2 NCN D . 8.02 -17.11 -0.72
H1' NCN D . 9.29 -15.87 2.12
H6 NCN D . 6.61 -14.10 3.06
H5 NCN D . 4.81 -14.82 4.35
H4 NCN D . 4.41 -17.09 4.59
H2 NCN D . 7.67 -17.85 2.37
P PO4 E . -8.70 10.14 -11.74
O1 PO4 E . -9.28 11.38 -12.41
O2 PO4 E . -7.48 10.61 -10.93
O3 PO4 E . -8.37 8.97 -12.65
O4 PO4 E . -9.75 9.71 -10.72
P NCN F . -2.76 10.10 -8.41
O1P NCN F . -2.85 9.24 -9.62
O2P NCN F . -1.53 11.01 -8.30
O3P NCN F . -2.90 9.31 -7.13
O5' NCN F . -4.09 10.96 -8.58
C5' NCN F . -4.56 11.88 -7.60
C4' NCN F . -5.43 12.93 -8.26
O4' NCN F . -6.14 13.69 -7.23
C3' NCN F . -4.64 13.94 -9.09
O3' NCN F . -5.36 14.31 -10.26
C2' NCN F . -4.49 15.12 -8.15
O2' NCN F . -4.28 16.37 -8.78
C1' NCN F . -5.80 15.08 -7.35
N1 NCN F . -5.68 15.67 -5.99
C6 NCN F . -5.62 14.95 -4.85
C5 NCN F . -5.51 15.60 -3.60
C4 NCN F . -5.42 16.95 -3.53
C3 NCN F . -5.47 17.68 -4.69
C2 NCN F . -5.59 17.03 -5.93
C7 NCN F . -5.36 19.22 -4.70
O7 NCN F . -5.37 19.78 -5.85
O8 NCN F . -5.24 19.84 -3.57
H5'1 NCN F . -5.08 11.41 -6.93
H5'2 NCN F . -3.80 12.31 -7.17
H4' NCN F . -6.09 12.50 -8.81
H3' NCN F . -3.77 13.57 -9.34
HO'3 NCN F . -4.92 14.11 -10.95
H2' NCN F . -3.76 14.95 -7.54
HO'2 NCN F . -3.45 16.52 -8.85
H1' NCN F . -6.51 15.52 -7.83
H6 NCN F . -5.65 14.01 -4.89
H5 NCN F . -5.50 15.08 -2.82
H4 NCN F . -5.33 17.39 -2.70
H2 NCN F . -5.63 17.53 -6.71
P PO4 G . 14.06 -10.93 0.92
O1 PO4 G . 14.56 -9.96 -0.10
O2 PO4 G . 13.90 -10.22 2.25
O3 PO4 G . 12.68 -11.47 0.54
O4 PO4 G . 14.99 -12.12 1.17
CL CL H . -8.97 17.00 -8.23
CL CL I . 11.03 -17.24 4.01
#